data_1BAV
#
_entry.id   1BAV
#
_cell.length_a   105.700
_cell.length_b   60.500
_cell.length_c   91.800
_cell.angle_alpha   90.00
_cell.angle_beta   97.20
_cell.angle_gamma   90.00
#
_symmetry.space_group_name_H-M   'P 1 21 1'
#
loop_
_entity.id
_entity.type
_entity.pdbx_description
1 polymer 'CARBOXYPEPTIDASE A'
2 non-polymer 'ZINC ION'
3 non-polymer '2-BENZYL-3-IODOPROPANOIC ACID'
4 water water
#
_entity_poly.entity_id   1
_entity_poly.type   'polypeptide(L)'
_entity_poly.pdbx_seq_one_letter_code
;ARSTNTFNYATYHTLDEIYDFMDLLVAQHPELVSKLQIGRSYEGRPIYVLKFSTGGSNRPAIWIDLGIHSREWITQATGV
WFAKKFTENYGQNPSFTAILDSMDIFLEIVTNPNGFAFTHSENRLWRKTRSVTSSSLCVGVDANRNWDAGFGKAGASSSP
CSETYHGKYANSEVEVKSIVDFVKNHGNFKAFLSIHSYSQLLLYPYGYTTQSIPDKTELNQVAKSAVAALKSLYGTSYKY
GSIITTIYQASGGSIDWSYNQGIKYSFTFELRDTGRYGFLLPASQIIPTAQETWLGVLTIMEHTVNNLY
;
_entity_poly.pdbx_strand_id   A,B,C,D
#
loop_
_chem_comp.id
_chem_comp.type
_chem_comp.name
_chem_comp.formula
BIP non-polymer '2-BENZYL-3-IODOPROPANOIC ACID' 'C10 H11 I O2'
ZN non-polymer 'ZINC ION' 'Zn 2'
#
# COMPACT_ATOMS: atom_id res chain seq x y z
N ALA A 1 24.70 6.33 -48.78
CA ALA A 1 24.51 5.90 -50.20
C ALA A 1 25.59 4.88 -50.58
N ARG A 2 26.27 5.07 -51.70
CA ARG A 2 27.32 4.13 -52.13
C ARG A 2 28.72 4.61 -51.77
N SER A 3 28.84 5.22 -50.59
CA SER A 3 30.12 5.73 -50.09
C SER A 3 29.88 6.46 -48.78
N THR A 4 30.87 6.41 -47.89
CA THR A 4 30.78 7.11 -46.61
C THR A 4 31.02 8.59 -46.94
N ASN A 5 31.66 8.85 -48.07
CA ASN A 5 31.91 10.21 -48.51
C ASN A 5 30.61 10.89 -48.89
N THR A 6 29.62 10.12 -49.30
CA THR A 6 28.33 10.68 -49.67
C THR A 6 27.26 10.35 -48.63
N PHE A 7 27.73 9.96 -47.44
CA PHE A 7 26.83 9.67 -46.33
C PHE A 7 26.54 11.03 -45.68
N ASN A 8 25.28 11.26 -45.30
CA ASN A 8 24.94 12.54 -44.69
C ASN A 8 25.17 12.49 -43.18
N TYR A 9 26.13 13.28 -42.71
CA TYR A 9 26.48 13.32 -41.30
C TYR A 9 25.76 14.40 -40.49
N ALA A 10 24.87 15.15 -41.14
CA ALA A 10 24.12 16.21 -40.51
C ALA A 10 22.63 15.89 -40.44
N THR A 11 22.33 14.61 -40.28
CA THR A 11 20.95 14.14 -40.19
C THR A 11 21.00 12.92 -39.29
N TYR A 12 19.90 12.65 -38.59
CA TYR A 12 19.84 11.51 -37.68
C TYR A 12 19.44 10.24 -38.41
N HIS A 13 20.23 9.19 -38.21
CA HIS A 13 20.00 7.92 -38.86
C HIS A 13 19.34 6.83 -38.03
N THR A 14 18.91 5.79 -38.71
CA THR A 14 18.27 4.64 -38.08
C THR A 14 19.33 3.59 -37.79
N LEU A 15 18.94 2.56 -37.05
CA LEU A 15 19.83 1.48 -36.69
C LEU A 15 20.43 0.78 -37.91
N ASP A 16 19.61 0.57 -38.94
CA ASP A 16 20.08 -0.12 -40.13
C ASP A 16 21.07 0.75 -40.84
N GLU A 17 20.77 2.05 -40.88
CA GLU A 17 21.65 3.01 -41.55
C GLU A 17 23.03 3.05 -40.89
N ILE A 18 23.06 2.98 -39.56
CA ILE A 18 24.32 3.00 -38.82
C ILE A 18 25.10 1.70 -38.97
N TYR A 19 24.39 0.56 -39.00
CA TYR A 19 25.06 -0.74 -39.19
C TYR A 19 25.56 -0.83 -40.65
N ASP A 20 24.80 -0.27 -41.59
CA ASP A 20 25.18 -0.26 -43.01
C ASP A 20 26.48 0.50 -43.14
N PHE A 21 26.47 1.72 -42.59
CA PHE A 21 27.62 2.61 -42.60
C PHE A 21 28.94 1.97 -42.10
N MET A 22 28.85 1.15 -41.06
CA MET A 22 30.05 0.49 -40.53
C MET A 22 30.68 -0.40 -41.60
N ASP A 23 29.83 -1.14 -42.31
CA ASP A 23 30.29 -2.03 -43.37
C ASP A 23 30.96 -1.28 -44.52
N LEU A 24 30.44 -0.11 -44.85
CA LEU A 24 31.04 0.71 -45.90
C LEU A 24 32.37 1.28 -45.45
N LEU A 25 32.43 1.69 -44.18
CA LEU A 25 33.66 2.27 -43.66
C LEU A 25 34.78 1.23 -43.70
N VAL A 26 34.49 0.00 -43.23
CA VAL A 26 35.48 -1.07 -43.23
C VAL A 26 35.86 -1.42 -44.68
N ALA A 27 34.85 -1.51 -45.54
CA ALA A 27 35.07 -1.81 -46.95
C ALA A 27 36.06 -0.83 -47.58
N GLN A 28 36.01 0.42 -47.13
CA GLN A 28 36.89 1.45 -47.67
C GLN A 28 38.26 1.56 -47.01
N HIS A 29 38.36 1.19 -45.74
CA HIS A 29 39.63 1.29 -45.01
C HIS A 29 39.91 0.03 -44.20
N PRO A 30 39.96 -1.13 -44.86
CA PRO A 30 40.20 -2.42 -44.20
C PRO A 30 41.54 -2.52 -43.48
N GLU A 31 42.51 -1.72 -43.89
CA GLU A 31 43.82 -1.74 -43.25
C GLU A 31 43.77 -1.20 -41.82
N LEU A 32 42.96 -0.16 -41.62
CA LEU A 32 42.84 0.54 -40.34
C LEU A 32 41.68 0.10 -39.43
N VAL A 33 40.55 -0.30 -40.00
CA VAL A 33 39.39 -0.66 -39.17
C VAL A 33 38.63 -1.94 -39.50
N SER A 34 38.29 -2.69 -38.46
CA SER A 34 37.51 -3.92 -38.58
C SER A 34 36.36 -3.91 -37.58
N LYS A 35 35.25 -4.54 -37.96
CA LYS A 35 34.07 -4.60 -37.09
C LYS A 35 34.06 -5.91 -36.31
N LEU A 36 33.78 -5.83 -35.02
CA LEU A 36 33.77 -7.00 -34.18
C LEU A 36 32.42 -7.12 -33.48
N GLN A 37 31.80 -8.30 -33.51
CA GLN A 37 30.54 -8.48 -32.80
C GLN A 37 30.89 -8.97 -31.40
N ILE A 38 30.53 -8.20 -30.38
CA ILE A 38 30.88 -8.60 -29.02
C ILE A 38 29.74 -9.22 -28.25
N GLY A 39 28.59 -9.39 -28.91
CA GLY A 39 27.45 -10.01 -28.28
C GLY A 39 26.17 -9.66 -29.00
N ARG A 40 25.04 -10.12 -28.46
CA ARG A 40 23.73 -9.81 -29.03
C ARG A 40 22.87 -9.17 -27.95
N SER A 41 22.03 -8.24 -28.38
CA SER A 41 21.13 -7.51 -27.48
C SER A 41 20.04 -8.46 -26.96
N TYR A 42 19.23 -7.97 -26.02
CA TYR A 42 18.15 -8.77 -25.45
C TYR A 42 17.30 -9.39 -26.56
N GLU A 43 16.95 -8.56 -27.53
CA GLU A 43 16.13 -9.00 -28.66
C GLU A 43 16.87 -9.66 -29.80
N GLY A 44 18.12 -10.06 -29.54
CA GLY A 44 18.91 -10.76 -30.53
C GLY A 44 19.65 -9.96 -31.59
N ARG A 45 19.71 -8.63 -31.46
CA ARG A 45 20.44 -7.83 -32.45
C ARG A 45 21.95 -7.90 -32.19
N PRO A 46 22.74 -8.08 -33.25
CA PRO A 46 24.17 -8.14 -32.94
C PRO A 46 24.68 -6.80 -32.41
N ILE A 47 25.58 -6.87 -31.45
CA ILE A 47 26.19 -5.67 -30.87
C ILE A 47 27.60 -5.64 -31.47
N TYR A 48 27.94 -4.52 -32.11
CA TYR A 48 29.23 -4.36 -32.75
C TYR A 48 30.14 -3.29 -32.18
N VAL A 49 31.43 -3.51 -32.36
CA VAL A 49 32.47 -2.58 -31.95
C VAL A 49 33.32 -2.32 -33.20
N LEU A 50 33.72 -1.06 -33.43
CA LEU A 50 34.62 -0.77 -34.55
C LEU A 50 36.01 -0.65 -33.91
N LYS A 51 36.93 -1.50 -34.33
CA LYS A 51 38.29 -1.47 -33.80
C LYS A 51 39.21 -0.80 -34.80
N PHE A 52 39.85 0.28 -34.37
CA PHE A 52 40.80 1.01 -35.19
C PHE A 52 42.19 0.60 -34.70
N SER A 53 43.03 0.16 -35.63
CA SER A 53 44.37 -0.30 -35.27
C SER A 53 45.32 -0.37 -36.45
N THR A 54 46.57 -0.01 -36.20
CA THR A 54 47.58 -0.07 -37.25
C THR A 54 48.32 -1.41 -37.17
N GLY A 55 48.02 -2.20 -36.12
CA GLY A 55 48.63 -3.50 -35.94
C GLY A 55 49.14 -3.74 -34.52
N GLY A 56 50.19 -4.55 -34.40
CA GLY A 56 50.81 -4.82 -33.11
C GLY A 56 50.27 -5.85 -32.13
N SER A 57 50.93 -5.88 -30.97
CA SER A 57 50.61 -6.78 -29.86
C SER A 57 49.28 -6.41 -29.23
N ASN A 58 49.05 -6.86 -28.00
CA ASN A 58 47.84 -6.52 -27.25
C ASN A 58 48.07 -5.06 -26.86
N ARG A 59 48.08 -4.18 -27.87
CA ARG A 59 48.35 -2.77 -27.69
C ARG A 59 47.45 -2.06 -26.70
N PRO A 60 48.00 -1.05 -26.00
CA PRO A 60 47.26 -0.24 -25.01
C PRO A 60 46.06 0.27 -25.77
N ALA A 61 44.87 0.17 -25.18
CA ALA A 61 43.68 0.58 -25.88
C ALA A 61 42.86 1.69 -25.26
N ILE A 62 42.06 2.32 -26.11
CA ILE A 62 41.15 3.37 -25.69
C ILE A 62 39.73 2.93 -26.06
N TRP A 63 38.90 2.79 -25.03
CA TRP A 63 37.51 2.41 -25.19
C TRP A 63 36.59 3.62 -25.21
N ILE A 64 35.67 3.65 -26.17
CA ILE A 64 34.70 4.72 -26.23
C ILE A 64 33.35 4.09 -26.56
N ASP A 65 32.34 4.46 -25.80
CA ASP A 65 31.03 3.91 -26.09
C ASP A 65 29.99 5.03 -26.08
N LEU A 66 29.07 4.94 -27.03
CA LEU A 66 28.03 5.94 -27.21
C LEU A 66 26.64 5.33 -27.26
N GLY A 67 25.65 6.12 -26.85
CA GLY A 67 24.27 5.67 -26.93
C GLY A 67 23.76 4.66 -25.94
N ILE A 68 24.43 4.46 -24.81
CA ILE A 68 23.94 3.50 -23.82
C ILE A 68 22.51 3.89 -23.39
N HIS A 69 22.19 5.18 -23.48
CA HIS A 69 20.84 5.65 -23.22
C HIS A 69 20.37 5.98 -24.65
N SER A 70 19.45 5.18 -25.18
CA SER A 70 19.03 5.33 -26.58
C SER A 70 18.48 6.64 -27.11
N ARG A 71 17.78 7.39 -26.25
CA ARG A 71 17.21 8.66 -26.67
C ARG A 71 18.21 9.80 -26.88
N GLU A 72 19.43 9.63 -26.37
CA GLU A 72 20.44 10.66 -26.52
C GLU A 72 21.04 10.50 -27.91
N TRP A 73 20.24 10.86 -28.91
CA TRP A 73 20.61 10.73 -30.31
C TRP A 73 21.88 11.44 -30.73
N ILE A 74 22.18 12.57 -30.10
CA ILE A 74 23.38 13.31 -30.46
C ILE A 74 24.64 12.46 -30.28
N THR A 75 24.55 11.44 -29.42
CA THR A 75 25.71 10.59 -29.17
C THR A 75 25.99 9.58 -30.28
N GLN A 76 25.02 8.74 -30.65
CA GLN A 76 25.27 7.77 -31.73
C GLN A 76 25.66 8.52 -33.00
N ALA A 77 25.07 9.70 -33.22
CA ALA A 77 25.41 10.50 -34.40
C ALA A 77 26.86 11.01 -34.30
N THR A 78 27.28 11.39 -33.10
CA THR A 78 28.65 11.86 -32.87
C THR A 78 29.64 10.72 -33.18
N GLY A 79 29.26 9.51 -32.76
CA GLY A 79 30.07 8.31 -32.98
C GLY A 79 30.27 8.03 -34.45
N VAL A 80 29.20 8.16 -35.23
CA VAL A 80 29.27 7.97 -36.68
C VAL A 80 30.33 8.91 -37.22
N TRP A 81 30.22 10.20 -36.87
CA TRP A 81 31.17 11.21 -37.31
C TRP A 81 32.61 10.90 -36.83
N PHE A 82 32.74 10.46 -35.59
CA PHE A 82 34.04 10.09 -35.04
C PHE A 82 34.72 9.00 -35.88
N ALA A 83 33.95 7.97 -36.25
CA ALA A 83 34.48 6.87 -37.04
C ALA A 83 35.09 7.38 -38.35
N LYS A 84 34.36 8.27 -39.03
CA LYS A 84 34.87 8.81 -40.29
C LYS A 84 36.11 9.67 -40.08
N LYS A 85 36.10 10.45 -39.00
CA LYS A 85 37.23 11.34 -38.67
C LYS A 85 38.51 10.55 -38.38
N PHE A 86 38.38 9.40 -37.74
CA PHE A 86 39.55 8.55 -37.43
C PHE A 86 40.21 8.09 -38.72
N THR A 87 39.39 7.81 -39.75
CA THR A 87 39.92 7.36 -41.04
C THR A 87 40.50 8.53 -41.85
N GLU A 88 39.98 9.72 -41.63
CA GLU A 88 40.46 10.89 -42.33
C GLU A 88 41.79 11.42 -41.80
N ASN A 89 41.88 11.56 -40.48
CA ASN A 89 43.10 12.13 -39.89
C ASN A 89 44.31 11.25 -39.75
N TYR A 90 44.12 9.94 -39.89
CA TYR A 90 45.28 9.07 -39.79
C TYR A 90 46.15 9.36 -41.01
N GLY A 91 47.43 9.65 -40.77
CA GLY A 91 48.32 10.03 -41.85
C GLY A 91 48.33 11.54 -42.06
N GLN A 92 47.29 12.22 -41.56
CA GLN A 92 47.17 13.68 -41.70
C GLN A 92 47.51 14.49 -40.44
N ASN A 93 46.78 14.32 -39.35
CA ASN A 93 47.09 15.09 -38.12
C ASN A 93 48.17 14.39 -37.33
N PRO A 94 49.29 15.08 -37.05
CA PRO A 94 50.45 14.59 -36.30
C PRO A 94 50.16 13.89 -34.97
N SER A 95 49.39 14.55 -34.10
CA SER A 95 49.09 13.96 -32.82
C SER A 95 48.23 12.74 -32.95
N PHE A 96 47.21 12.81 -33.78
CA PHE A 96 46.36 11.64 -33.95
C PHE A 96 47.09 10.45 -34.57
N THR A 97 47.97 10.70 -35.54
CA THR A 97 48.72 9.59 -36.11
C THR A 97 49.64 8.97 -35.05
N ALA A 98 50.15 9.79 -34.15
CA ALA A 98 51.01 9.30 -33.08
C ALA A 98 50.22 8.35 -32.16
N ILE A 99 49.01 8.74 -31.76
CA ILE A 99 48.19 7.90 -30.90
C ILE A 99 47.81 6.59 -31.58
N LEU A 100 47.44 6.65 -32.85
CA LEU A 100 47.05 5.44 -33.56
C LEU A 100 48.20 4.55 -33.98
N ASP A 101 49.41 5.09 -33.93
CA ASP A 101 50.58 4.30 -34.26
C ASP A 101 51.08 3.53 -33.04
N SER A 102 50.51 3.82 -31.88
CA SER A 102 50.91 3.15 -30.66
C SER A 102 49.76 2.54 -29.85
N MET A 103 48.53 2.95 -30.16
CA MET A 103 47.35 2.48 -29.45
C MET A 103 46.21 2.15 -30.40
N ASP A 104 45.26 1.33 -29.94
CA ASP A 104 44.09 0.97 -30.74
C ASP A 104 42.94 1.73 -30.13
N ILE A 105 41.91 1.96 -30.92
CA ILE A 105 40.72 2.64 -30.41
C ILE A 105 39.52 1.72 -30.67
N PHE A 106 38.72 1.49 -29.63
CA PHE A 106 37.52 0.67 -29.77
C PHE A 106 36.36 1.66 -29.63
N LEU A 107 35.45 1.62 -30.60
CA LEU A 107 34.31 2.54 -30.66
C LEU A 107 32.98 1.82 -30.82
N GLU A 108 32.16 1.85 -29.77
CA GLU A 108 30.85 1.22 -29.81
C GLU A 108 29.81 2.31 -30.09
N ILE A 109 29.37 2.39 -31.35
CA ILE A 109 28.44 3.43 -31.79
C ILE A 109 27.01 3.37 -31.26
N VAL A 110 26.44 2.16 -31.25
CA VAL A 110 25.09 1.96 -30.73
C VAL A 110 25.20 0.88 -29.66
N THR A 111 25.48 1.33 -28.43
CA THR A 111 25.66 0.42 -27.31
C THR A 111 24.37 -0.28 -26.86
N ASN A 112 23.24 0.38 -27.14
CA ASN A 112 21.91 -0.13 -26.77
C ASN A 112 21.10 -0.21 -28.08
N PRO A 113 21.28 -1.29 -28.86
CA PRO A 113 20.59 -1.52 -30.15
C PRO A 113 19.05 -1.57 -30.06
N ASN A 114 18.53 -2.33 -29.10
CA ASN A 114 17.08 -2.48 -28.91
C ASN A 114 16.42 -1.14 -28.59
N GLY A 115 16.94 -0.45 -27.57
CA GLY A 115 16.39 0.83 -27.21
C GLY A 115 16.42 1.81 -28.37
N PHE A 116 17.52 1.83 -29.15
CA PHE A 116 17.65 2.74 -30.29
C PHE A 116 16.55 2.46 -31.30
N ALA A 117 16.41 1.20 -31.70
CA ALA A 117 15.37 0.82 -32.66
C ALA A 117 14.01 1.29 -32.14
N PHE A 118 13.79 1.09 -30.84
CA PHE A 118 12.54 1.47 -30.19
C PHE A 118 12.32 2.99 -30.29
N THR A 119 13.38 3.78 -30.22
CA THR A 119 13.21 5.24 -30.30
C THR A 119 12.84 5.69 -31.69
N HIS A 120 13.02 4.81 -32.67
CA HIS A 120 12.69 5.15 -34.06
C HIS A 120 11.32 4.72 -34.49
N SER A 121 10.69 3.82 -33.74
CA SER A 121 9.39 3.35 -34.16
C SER A 121 8.31 3.44 -33.12
N GLU A 122 8.70 3.50 -31.86
CA GLU A 122 7.70 3.56 -30.81
C GLU A 122 7.78 4.79 -29.93
N ASN A 123 8.83 4.88 -29.11
CA ASN A 123 8.96 5.98 -28.18
C ASN A 123 10.33 6.67 -28.29
N ARG A 124 10.33 7.86 -28.87
CA ARG A 124 11.53 8.66 -29.07
C ARG A 124 12.29 9.00 -27.78
N LEU A 125 11.61 8.89 -26.66
CA LEU A 125 12.22 9.21 -25.37
C LEU A 125 12.55 7.99 -24.54
N TRP A 126 12.54 6.81 -25.17
CA TRP A 126 12.88 5.59 -24.45
C TRP A 126 14.39 5.62 -24.25
N ARG A 127 14.84 5.30 -23.05
CA ARG A 127 16.25 5.36 -22.77
C ARG A 127 16.87 4.12 -22.16
N LYS A 128 16.03 3.17 -21.74
CA LYS A 128 16.51 1.96 -21.11
C LYS A 128 16.70 0.84 -22.15
N THR A 129 17.10 -0.33 -21.67
CA THR A 129 17.24 -1.50 -22.53
C THR A 129 15.79 -1.95 -22.74
N ARG A 130 15.59 -3.13 -23.34
CA ARG A 130 14.24 -3.64 -23.59
C ARG A 130 14.08 -5.05 -23.01
N SER A 131 14.81 -5.34 -21.95
CA SER A 131 14.76 -6.65 -21.29
C SER A 131 13.45 -6.85 -20.52
N VAL A 132 12.94 -8.07 -20.52
CA VAL A 132 11.70 -8.37 -19.80
C VAL A 132 12.00 -9.39 -18.68
N THR A 133 11.63 -10.65 -18.84
CA THR A 133 11.88 -11.72 -17.88
C THR A 133 11.99 -11.30 -16.41
N SER A 134 10.90 -10.72 -15.88
CA SER A 134 10.86 -10.28 -14.48
C SER A 134 9.43 -10.35 -13.92
N SER A 135 9.25 -9.83 -12.71
CA SER A 135 7.95 -9.83 -12.03
C SER A 135 7.22 -8.50 -12.25
N SER A 136 7.28 -7.97 -13.47
CA SER A 136 6.65 -6.69 -13.77
C SER A 136 6.09 -6.57 -15.18
N LEU A 137 5.31 -5.50 -15.39
CA LEU A 137 4.71 -5.19 -16.68
C LEU A 137 5.68 -4.27 -17.45
N CYS A 138 6.48 -3.54 -16.66
CA CYS A 138 7.45 -2.64 -17.25
C CYS A 138 8.66 -3.39 -17.72
N VAL A 139 9.27 -2.87 -18.78
CA VAL A 139 10.43 -3.52 -19.35
C VAL A 139 11.63 -2.60 -19.31
N GLY A 140 12.81 -3.22 -19.37
CA GLY A 140 14.06 -2.50 -19.42
C GLY A 140 14.72 -2.11 -18.14
N VAL A 141 16.02 -1.83 -18.27
CA VAL A 141 16.89 -1.41 -17.20
C VAL A 141 17.72 -0.21 -17.67
N ASP A 142 18.07 0.67 -16.74
CA ASP A 142 18.92 1.79 -17.09
C ASP A 142 20.33 1.18 -17.09
N ALA A 143 20.86 0.99 -18.31
CA ALA A 143 22.17 0.40 -18.52
C ALA A 143 23.33 1.21 -17.95
N ASN A 144 23.10 2.45 -17.51
CA ASN A 144 24.19 3.19 -16.85
C ASN A 144 24.03 3.19 -15.32
N ARG A 145 23.17 2.30 -14.82
CA ARG A 145 22.97 2.15 -13.37
C ARG A 145 23.12 0.66 -13.07
N ASN A 146 23.54 -0.10 -14.09
CA ASN A 146 23.64 -1.56 -14.00
C ASN A 146 25.03 -2.17 -13.78
N TRP A 147 26.05 -1.33 -13.64
CA TRP A 147 27.40 -1.83 -13.45
C TRP A 147 27.71 -2.21 -12.00
N ASP A 148 28.75 -3.02 -11.81
CA ASP A 148 29.13 -3.48 -10.48
C ASP A 148 30.07 -2.52 -9.77
N ALA A 149 29.57 -1.33 -9.47
CA ALA A 149 30.33 -0.30 -8.78
C ALA A 149 29.26 0.30 -7.91
N GLY A 150 29.28 -0.07 -6.63
CA GLY A 150 28.28 0.43 -5.70
C GLY A 150 26.88 0.01 -6.11
N PHE A 151 26.77 -1.11 -6.85
CA PHE A 151 25.47 -1.59 -7.31
C PHE A 151 24.35 -1.63 -6.25
N GLY A 152 23.19 -1.09 -6.60
CA GLY A 152 22.05 -1.13 -5.70
C GLY A 152 22.08 -0.07 -4.62
N LYS A 153 23.18 0.66 -4.50
CA LYS A 153 23.29 1.71 -3.49
C LYS A 153 22.51 2.93 -3.91
N ALA A 154 22.42 3.91 -3.01
CA ALA A 154 21.71 5.16 -3.28
C ALA A 154 22.21 5.73 -4.60
N GLY A 155 21.29 6.21 -5.44
CA GLY A 155 21.67 6.75 -6.74
C GLY A 155 20.99 6.14 -7.95
N ALA A 156 20.25 5.06 -7.72
CA ALA A 156 19.50 4.36 -8.77
C ALA A 156 18.26 3.82 -8.08
N SER A 157 17.24 3.53 -8.87
CA SER A 157 15.97 3.05 -8.34
C SER A 157 15.77 1.56 -8.45
N SER A 158 14.98 1.05 -7.52
CA SER A 158 14.68 -0.36 -7.53
C SER A 158 13.26 -0.56 -8.09
N SER A 159 12.64 0.52 -8.58
CA SER A 159 11.30 0.43 -9.18
C SER A 159 11.44 0.04 -10.67
N PRO A 160 10.92 -1.13 -11.07
CA PRO A 160 11.00 -1.61 -12.45
C PRO A 160 10.55 -0.62 -13.54
N CYS A 161 9.51 0.17 -13.27
CA CYS A 161 9.01 1.13 -14.26
C CYS A 161 9.82 2.43 -14.28
N SER A 162 10.67 2.58 -13.28
CA SER A 162 11.52 3.75 -13.14
C SER A 162 12.45 3.87 -14.35
N GLU A 163 12.71 5.10 -14.80
CA GLU A 163 13.60 5.32 -15.92
C GLU A 163 15.06 5.11 -15.51
N THR A 164 15.31 4.97 -14.21
CA THR A 164 16.66 4.76 -13.70
C THR A 164 16.76 3.47 -12.89
N TYR A 165 15.88 2.53 -13.19
CA TYR A 165 15.86 1.22 -12.53
C TYR A 165 17.22 0.51 -12.79
N HIS A 166 17.85 0.04 -11.72
CA HIS A 166 19.16 -0.62 -11.80
C HIS A 166 19.22 -2.10 -12.21
N GLY A 167 18.09 -2.80 -12.16
CA GLY A 167 18.11 -4.20 -12.54
C GLY A 167 18.25 -5.17 -11.36
N LYS A 168 18.01 -6.44 -11.62
CA LYS A 168 18.07 -7.49 -10.60
C LYS A 168 19.40 -7.63 -9.90
N TYR A 169 20.49 -7.66 -10.65
CA TYR A 169 21.80 -7.76 -10.03
C TYR A 169 22.80 -7.08 -10.96
N ALA A 170 23.98 -6.77 -10.43
CA ALA A 170 25.03 -6.10 -11.21
C ALA A 170 25.35 -6.87 -12.48
N ASN A 171 25.39 -6.15 -13.59
CA ASN A 171 25.68 -6.69 -14.92
C ASN A 171 24.64 -7.67 -15.47
N SER A 172 23.42 -7.63 -14.93
CA SER A 172 22.39 -8.52 -15.43
C SER A 172 22.08 -8.28 -16.92
N GLU A 173 22.26 -7.05 -17.38
CA GLU A 173 21.97 -6.72 -18.77
C GLU A 173 23.09 -7.21 -19.68
N VAL A 174 22.69 -7.90 -20.74
CA VAL A 174 23.63 -8.46 -21.72
C VAL A 174 24.45 -7.36 -22.38
N GLU A 175 23.85 -6.20 -22.55
CA GLU A 175 24.51 -5.06 -23.18
C GLU A 175 25.64 -4.53 -22.30
N VAL A 176 25.50 -4.70 -20.99
CA VAL A 176 26.52 -4.27 -20.02
C VAL A 176 27.59 -5.36 -19.93
N LYS A 177 27.14 -6.62 -19.81
CA LYS A 177 28.02 -7.78 -19.73
C LYS A 177 28.91 -7.92 -20.98
N SER A 178 28.38 -7.59 -22.16
CA SER A 178 29.15 -7.67 -23.43
C SER A 178 30.41 -6.80 -23.41
N ILE A 179 30.29 -5.61 -22.80
CA ILE A 179 31.41 -4.69 -22.68
C ILE A 179 32.39 -5.14 -21.61
N VAL A 180 31.86 -5.50 -20.43
CA VAL A 180 32.67 -5.95 -19.30
C VAL A 180 33.55 -7.13 -19.65
N ASP A 181 32.98 -8.12 -20.32
CA ASP A 181 33.73 -9.31 -20.69
C ASP A 181 34.83 -8.98 -21.69
N PHE A 182 34.52 -8.10 -22.64
CA PHE A 182 35.46 -7.70 -23.68
C PHE A 182 36.61 -6.88 -23.11
N VAL A 183 36.28 -5.92 -22.26
CA VAL A 183 37.28 -5.06 -21.66
C VAL A 183 38.17 -5.84 -20.68
N LYS A 184 37.56 -6.71 -19.87
CA LYS A 184 38.32 -7.51 -18.91
C LYS A 184 39.23 -8.55 -19.59
N ASN A 185 38.69 -9.27 -20.57
CA ASN A 185 39.48 -10.26 -21.32
C ASN A 185 40.73 -9.55 -21.86
N HIS A 186 40.51 -8.40 -22.49
CA HIS A 186 41.60 -7.62 -23.08
C HIS A 186 42.70 -7.31 -22.06
N GLY A 187 42.29 -6.81 -20.91
CA GLY A 187 43.24 -6.51 -19.84
C GLY A 187 44.28 -5.44 -20.11
N ASN A 188 44.08 -4.62 -21.13
CA ASN A 188 45.05 -3.57 -21.44
C ASN A 188 44.45 -2.27 -21.96
N PHE A 189 43.25 -1.93 -21.46
CA PHE A 189 42.62 -0.67 -21.82
C PHE A 189 43.17 0.39 -20.86
N LYS A 190 43.62 1.52 -21.40
CA LYS A 190 44.19 2.62 -20.59
C LYS A 190 43.21 3.79 -20.41
N ALA A 191 42.17 3.83 -21.24
CA ALA A 191 41.17 4.88 -21.14
C ALA A 191 39.81 4.27 -21.46
N PHE A 192 38.79 4.70 -20.72
CA PHE A 192 37.41 4.22 -20.89
C PHE A 192 36.52 5.45 -20.83
N LEU A 193 36.00 5.84 -21.99
CA LEU A 193 35.15 7.02 -22.13
C LEU A 193 33.72 6.63 -22.51
N SER A 194 32.76 7.24 -21.83
CA SER A 194 31.37 7.01 -22.11
C SER A 194 30.77 8.35 -22.53
N ILE A 195 29.95 8.33 -23.57
CA ILE A 195 29.39 9.58 -24.12
C ILE A 195 27.87 9.58 -24.06
N HIS A 196 27.34 10.58 -23.37
CA HIS A 196 25.92 10.78 -23.13
C HIS A 196 25.53 12.23 -23.48
N SER A 197 24.28 12.58 -23.14
CA SER A 197 23.72 13.94 -23.30
C SER A 197 22.59 14.02 -22.30
N TYR A 198 22.17 15.21 -21.79
CA TYR A 198 22.70 16.57 -22.10
C TYR A 198 23.22 17.20 -20.80
N SER A 199 23.46 18.53 -20.81
CA SER A 199 23.94 19.35 -19.67
C SER A 199 25.40 19.80 -19.63
N GLN A 200 26.10 19.52 -20.71
CA GLN A 200 27.50 19.90 -20.92
C GLN A 200 28.45 19.75 -19.71
N LEU A 201 28.76 18.50 -19.40
CA LEU A 201 29.62 18.18 -18.27
C LEU A 201 30.70 17.16 -18.59
N LEU A 202 31.88 17.36 -18.05
CA LEU A 202 32.97 16.40 -18.22
C LEU A 202 33.10 15.82 -16.81
N LEU A 203 32.87 14.52 -16.68
CA LEU A 203 32.88 13.85 -15.39
C LEU A 203 33.95 12.80 -15.24
N TYR A 204 34.38 12.60 -14.00
CA TYR A 204 35.35 11.56 -13.63
C TYR A 204 34.81 10.93 -12.34
N PRO A 205 35.25 9.72 -11.99
CA PRO A 205 34.73 9.09 -10.77
C PRO A 205 34.98 9.88 -9.48
N TYR A 206 34.15 9.64 -8.46
CA TYR A 206 33.00 8.71 -8.54
C TYR A 206 31.62 9.35 -8.52
N GLY A 207 30.63 8.48 -8.70
CA GLY A 207 29.23 8.86 -8.63
C GLY A 207 28.58 8.13 -7.44
N TYR A 208 29.09 6.94 -7.10
CA TYR A 208 28.49 6.17 -6.01
C TYR A 208 29.08 6.41 -4.62
N THR A 209 30.06 7.30 -4.52
CA THR A 209 30.69 7.55 -3.23
C THR A 209 31.34 8.93 -3.17
N THR A 210 31.39 9.49 -1.96
CA THR A 210 32.00 10.79 -1.75
C THR A 210 33.51 10.66 -1.71
N GLN A 211 34.00 9.45 -1.44
CA GLN A 211 35.44 9.25 -1.41
C GLN A 211 36.09 9.82 -2.68
N SER A 212 37.21 10.50 -2.50
CA SER A 212 37.94 11.10 -3.61
C SER A 212 38.92 10.07 -4.15
N ILE A 213 38.93 9.87 -5.47
CA ILE A 213 39.85 8.92 -6.05
C ILE A 213 41.29 9.42 -5.84
N PRO A 214 42.25 8.50 -5.77
CA PRO A 214 43.65 8.88 -5.57
C PRO A 214 44.19 9.73 -6.73
N ASP A 215 43.76 9.41 -7.95
CA ASP A 215 44.19 10.12 -9.16
C ASP A 215 43.39 11.40 -9.44
N LYS A 216 42.75 11.94 -8.42
CA LYS A 216 41.93 13.14 -8.60
C LYS A 216 42.65 14.37 -9.16
N THR A 217 43.80 14.73 -8.59
CA THR A 217 44.52 15.92 -9.07
C THR A 217 44.86 15.84 -10.57
N GLU A 218 45.23 14.65 -11.02
CA GLU A 218 45.57 14.44 -12.41
C GLU A 218 44.35 14.43 -13.30
N LEU A 219 43.36 13.60 -12.95
CA LEU A 219 42.14 13.50 -13.76
C LEU A 219 41.43 14.84 -13.81
N ASN A 220 41.54 15.60 -12.73
CA ASN A 220 40.95 16.93 -12.64
C ASN A 220 41.68 17.87 -13.62
N GLN A 221 43.00 17.72 -13.72
CA GLN A 221 43.78 18.56 -14.62
C GLN A 221 43.50 18.11 -16.05
N VAL A 222 43.34 16.80 -16.25
CA VAL A 222 43.04 16.28 -17.59
C VAL A 222 41.67 16.82 -18.04
N ALA A 223 40.70 16.85 -17.13
CA ALA A 223 39.37 17.37 -17.45
C ALA A 223 39.45 18.86 -17.75
N LYS A 224 40.12 19.62 -16.90
CA LYS A 224 40.27 21.06 -17.08
C LYS A 224 40.78 21.40 -18.49
N SER A 225 41.85 20.74 -18.94
CA SER A 225 42.39 21.01 -20.26
C SER A 225 41.45 20.53 -21.39
N ALA A 226 40.76 19.42 -21.17
CA ALA A 226 39.84 18.90 -22.17
C ALA A 226 38.68 19.87 -22.41
N VAL A 227 38.21 20.49 -21.33
CA VAL A 227 37.11 21.45 -21.36
C VAL A 227 37.58 22.74 -22.07
N ALA A 228 38.82 23.14 -21.84
CA ALA A 228 39.34 24.33 -22.48
C ALA A 228 39.45 24.09 -23.98
N ALA A 229 39.93 22.90 -24.36
CA ALA A 229 40.07 22.52 -25.77
C ALA A 229 38.72 22.59 -26.48
N LEU A 230 37.77 21.79 -26.00
CA LEU A 230 36.42 21.73 -26.56
C LEU A 230 35.81 23.13 -26.78
N LYS A 231 35.92 23.97 -25.77
CA LYS A 231 35.38 25.33 -25.82
C LYS A 231 35.97 26.22 -26.91
N SER A 232 37.17 25.89 -27.38
CA SER A 232 37.85 26.70 -28.39
C SER A 232 37.23 26.91 -29.78
N LEU A 233 36.38 25.99 -30.21
CA LEU A 233 35.79 26.11 -31.54
C LEU A 233 34.61 27.05 -31.63
N TYR A 234 33.69 26.90 -30.68
CA TYR A 234 32.46 27.66 -30.70
C TYR A 234 32.13 28.38 -29.40
N GLY A 235 32.90 28.13 -28.36
CA GLY A 235 32.64 28.74 -27.07
C GLY A 235 31.67 27.96 -26.19
N THR A 236 31.44 26.68 -26.50
CA THR A 236 30.54 25.84 -25.69
C THR A 236 31.15 25.58 -24.32
N SER A 237 30.48 26.01 -23.26
CA SER A 237 31.00 25.84 -21.91
C SER A 237 30.54 24.62 -21.16
N TYR A 238 31.52 23.88 -20.66
CA TYR A 238 31.30 22.66 -19.88
C TYR A 238 31.78 22.90 -18.46
N LYS A 239 31.18 22.19 -17.51
CA LYS A 239 31.63 22.22 -16.14
C LYS A 239 32.23 20.82 -15.98
N TYR A 240 33.24 20.67 -15.14
CA TYR A 240 33.87 19.37 -14.93
C TYR A 240 34.10 19.10 -13.44
N GLY A 241 34.19 17.83 -13.09
CA GLY A 241 34.39 17.44 -11.72
C GLY A 241 33.90 16.02 -11.54
N SER A 242 33.88 15.55 -10.30
CA SER A 242 33.42 14.19 -10.05
C SER A 242 31.92 14.12 -10.33
N ILE A 243 31.44 12.93 -10.63
CA ILE A 243 30.03 12.69 -10.91
C ILE A 243 29.19 13.21 -9.73
N ILE A 244 29.49 12.70 -8.55
CA ILE A 244 28.76 13.05 -7.33
C ILE A 244 28.83 14.54 -6.98
N THR A 245 29.98 15.18 -7.14
CA THR A 245 30.11 16.60 -6.80
C THR A 245 29.41 17.52 -7.79
N THR A 246 29.26 17.07 -9.04
CA THR A 246 28.66 17.95 -10.00
C THR A 246 27.40 17.60 -10.77
N ILE A 247 26.83 16.42 -10.53
CA ILE A 247 25.56 16.07 -11.16
C ILE A 247 24.72 15.65 -9.98
N TYR A 248 25.05 14.48 -9.45
CA TYR A 248 24.35 13.86 -8.32
C TYR A 248 24.96 12.49 -7.98
N GLN A 249 24.53 11.91 -6.86
CA GLN A 249 24.99 10.59 -6.44
C GLN A 249 24.26 9.64 -7.37
N ALA A 250 25.02 8.85 -8.11
CA ALA A 250 24.47 7.89 -9.06
C ALA A 250 25.31 6.61 -8.89
N SER A 251 24.64 5.50 -8.60
CA SER A 251 25.34 4.23 -8.41
C SER A 251 25.23 3.33 -9.63
N GLY A 252 26.17 2.40 -9.76
CA GLY A 252 26.15 1.46 -10.88
C GLY A 252 26.51 2.03 -12.24
N GLY A 253 27.34 3.06 -12.26
CA GLY A 253 27.78 3.69 -13.50
C GLY A 253 29.02 3.03 -14.09
N SER A 254 29.19 3.18 -15.40
CA SER A 254 30.30 2.53 -16.10
C SER A 254 31.71 3.01 -15.76
N ILE A 255 31.86 4.32 -15.62
CA ILE A 255 33.16 4.92 -15.33
C ILE A 255 33.70 4.60 -13.92
N ASP A 256 32.79 4.35 -12.97
CA ASP A 256 33.22 3.99 -11.63
C ASP A 256 33.72 2.55 -11.65
N TRP A 257 33.02 1.69 -12.36
CA TRP A 257 33.42 0.30 -12.51
C TRP A 257 34.77 0.25 -13.24
N SER A 258 34.88 0.96 -14.36
CA SER A 258 36.11 0.96 -15.14
C SER A 258 37.29 1.45 -14.32
N TYR A 259 37.12 2.58 -13.64
CA TYR A 259 38.18 3.10 -12.80
C TYR A 259 38.53 2.06 -11.74
N ASN A 260 37.53 1.31 -11.26
CA ASN A 260 37.78 0.28 -10.27
C ASN A 260 38.42 -0.97 -10.87
N GLN A 261 38.48 -1.04 -12.20
CA GLN A 261 39.18 -2.15 -12.86
C GLN A 261 40.66 -1.74 -12.89
N GLY A 262 40.91 -0.46 -12.67
CA GLY A 262 42.26 0.05 -12.72
C GLY A 262 42.48 0.88 -13.98
N ILE A 263 41.41 1.09 -14.75
CA ILE A 263 41.51 1.89 -15.99
C ILE A 263 41.44 3.36 -15.55
N LYS A 264 42.61 3.95 -15.44
CA LYS A 264 42.80 5.32 -14.97
C LYS A 264 42.02 6.45 -15.61
N TYR A 265 42.17 6.61 -16.91
CA TYR A 265 41.49 7.69 -17.58
C TYR A 265 40.07 7.26 -17.86
N SER A 266 39.24 7.41 -16.84
CA SER A 266 37.82 7.06 -16.90
C SER A 266 37.00 8.36 -16.84
N PHE A 267 36.26 8.63 -17.92
CA PHE A 267 35.47 9.86 -18.02
C PHE A 267 34.14 9.67 -18.78
N THR A 268 33.18 10.54 -18.51
CA THR A 268 31.90 10.55 -19.24
C THR A 268 31.62 11.98 -19.70
N PHE A 269 31.25 12.15 -20.95
CA PHE A 269 30.89 13.46 -21.48
C PHE A 269 29.34 13.49 -21.54
N GLU A 270 28.75 14.59 -21.11
CA GLU A 270 27.29 14.78 -21.21
C GLU A 270 27.30 15.93 -22.23
N LEU A 271 26.88 15.64 -23.45
CA LEU A 271 26.93 16.60 -24.56
C LEU A 271 25.98 17.79 -24.47
N ARG A 272 25.79 18.47 -25.59
CA ARG A 272 24.89 19.65 -25.70
C ARG A 272 23.44 19.14 -25.53
N ASP A 273 22.54 19.97 -25.01
CA ASP A 273 22.82 21.35 -24.59
C ASP A 273 22.57 21.38 -23.07
N THR A 274 22.05 22.48 -22.50
CA THR A 274 21.76 22.49 -21.07
C THR A 274 20.27 22.57 -20.79
N GLY A 275 19.44 22.15 -21.76
CA GLY A 275 18.02 22.18 -21.49
C GLY A 275 17.02 22.78 -22.44
N ARG A 276 17.45 23.61 -23.38
CA ARG A 276 16.49 24.19 -24.33
C ARG A 276 15.85 23.08 -25.17
N TYR A 277 16.70 22.18 -25.69
CA TYR A 277 16.25 21.07 -26.53
C TYR A 277 16.34 19.76 -25.79
N GLY A 278 17.38 19.64 -24.96
CA GLY A 278 17.57 18.42 -24.19
C GLY A 278 17.91 17.26 -25.09
N PHE A 279 17.01 16.30 -25.23
CA PHE A 279 17.26 15.12 -26.07
C PHE A 279 17.01 15.35 -27.54
N LEU A 280 16.16 16.32 -27.85
CA LEU A 280 15.82 16.62 -29.24
C LEU A 280 16.68 17.71 -29.86
N LEU A 281 18.00 17.56 -29.78
CA LEU A 281 18.89 18.56 -30.38
C LEU A 281 18.63 18.63 -31.88
N PRO A 282 18.63 19.85 -32.46
CA PRO A 282 18.41 20.02 -33.90
C PRO A 282 19.50 19.29 -34.67
N ALA A 283 19.17 18.75 -35.85
CA ALA A 283 20.14 18.05 -36.68
C ALA A 283 21.29 18.98 -37.06
N SER A 284 21.02 20.28 -37.12
CA SER A 284 22.04 21.27 -37.44
C SER A 284 23.10 21.37 -36.34
N GLN A 285 22.83 20.80 -35.17
CA GLN A 285 23.80 20.84 -34.08
C GLN A 285 24.72 19.62 -34.05
N ILE A 286 24.50 18.65 -34.93
CA ILE A 286 25.30 17.43 -34.94
C ILE A 286 26.78 17.63 -35.27
N ILE A 287 27.10 18.06 -36.48
CA ILE A 287 28.50 18.21 -36.82
C ILE A 287 29.25 19.17 -35.88
N PRO A 288 28.61 20.30 -35.47
CA PRO A 288 29.26 21.24 -34.56
C PRO A 288 29.58 20.58 -33.21
N THR A 289 28.63 19.81 -32.68
CA THR A 289 28.83 19.11 -31.41
C THR A 289 29.96 18.09 -31.59
N ALA A 290 29.89 17.33 -32.68
CA ALA A 290 30.89 16.31 -32.97
C ALA A 290 32.29 16.95 -33.06
N GLN A 291 32.37 18.05 -33.79
CA GLN A 291 33.65 18.75 -33.94
C GLN A 291 34.29 19.14 -32.61
N GLU A 292 33.51 19.71 -31.69
CA GLU A 292 34.08 20.11 -30.39
C GLU A 292 34.46 18.98 -29.40
N THR A 293 33.67 17.89 -29.27
CA THR A 293 34.09 16.82 -28.33
C THR A 293 35.31 16.14 -28.87
N TRP A 294 35.48 16.21 -30.18
CA TRP A 294 36.63 15.61 -30.79
C TRP A 294 37.86 16.25 -30.14
N LEU A 295 37.83 17.56 -29.96
CA LEU A 295 38.95 18.28 -29.33
C LEU A 295 39.16 17.85 -27.87
N GLY A 296 38.07 17.70 -27.12
CA GLY A 296 38.17 17.30 -25.74
C GLY A 296 38.57 15.84 -25.59
N VAL A 297 38.11 14.98 -26.50
CA VAL A 297 38.44 13.57 -26.44
C VAL A 297 39.92 13.33 -26.87
N LEU A 298 40.36 14.07 -27.89
CA LEU A 298 41.74 13.97 -28.38
C LEU A 298 42.72 14.42 -27.30
N THR A 299 42.32 15.40 -26.50
CA THR A 299 43.16 15.88 -25.40
C THR A 299 43.39 14.71 -24.43
N ILE A 300 42.30 14.06 -24.03
CA ILE A 300 42.39 12.95 -23.11
C ILE A 300 43.25 11.80 -23.69
N MET A 301 43.09 11.51 -24.98
CA MET A 301 43.88 10.46 -25.61
C MET A 301 45.35 10.89 -25.62
N GLU A 302 45.60 12.18 -25.84
CA GLU A 302 46.98 12.68 -25.86
C GLU A 302 47.62 12.51 -24.50
N HIS A 303 46.83 12.70 -23.46
CA HIS A 303 47.36 12.56 -22.12
C HIS A 303 47.69 11.10 -21.87
N THR A 304 46.79 10.22 -22.30
CA THR A 304 46.96 8.78 -22.11
C THR A 304 48.17 8.21 -22.81
N VAL A 305 48.45 8.70 -24.02
CA VAL A 305 49.61 8.18 -24.75
C VAL A 305 50.90 8.70 -24.14
N ASN A 306 50.85 9.95 -23.66
CA ASN A 306 52.03 10.59 -23.07
C ASN A 306 52.21 10.40 -21.56
N ASN A 307 51.13 10.09 -20.86
CA ASN A 307 51.14 9.91 -19.42
C ASN A 307 50.66 8.49 -19.05
N ALA B 1 9.46 3.03 -4.10
CA ALA B 1 8.78 1.77 -3.64
C ALA B 1 8.18 1.10 -4.87
N ARG B 2 7.57 -0.07 -4.71
CA ARG B 2 6.90 -0.73 -5.84
C ARG B 2 5.40 -0.70 -5.57
N SER B 3 5.06 -0.09 -4.44
CA SER B 3 3.67 0.09 -4.03
C SER B 3 3.66 1.34 -3.16
N THR B 4 2.64 2.17 -3.35
CA THR B 4 2.52 3.39 -2.55
C THR B 4 2.22 3.00 -1.12
N ASN B 5 1.93 1.71 -0.91
CA ASN B 5 1.66 1.22 0.44
C ASN B 5 2.94 0.85 1.20
N THR B 6 4.08 0.84 0.52
CA THR B 6 5.34 0.51 1.17
C THR B 6 6.23 1.74 1.29
N PHE B 7 5.95 2.74 0.45
CA PHE B 7 6.65 4.03 0.40
C PHE B 7 6.75 4.62 1.82
N ASN B 8 7.90 5.23 2.11
CA ASN B 8 8.15 5.83 3.42
C ASN B 8 7.76 7.32 3.43
N TYR B 9 6.54 7.62 3.88
CA TYR B 9 6.06 9.00 3.92
C TYR B 9 6.67 9.84 5.05
N ALA B 10 7.31 9.16 5.99
CA ALA B 10 7.91 9.80 7.15
C ALA B 10 9.34 10.29 6.94
N THR B 11 9.80 10.37 5.70
CA THR B 11 11.15 10.86 5.43
C THR B 11 11.15 11.71 4.17
N TYR B 12 12.23 12.45 3.94
CA TYR B 12 12.37 13.31 2.77
C TYR B 12 12.88 12.47 1.60
N HIS B 13 12.50 12.86 0.38
CA HIS B 13 12.84 12.13 -0.84
C HIS B 13 13.44 12.98 -1.94
N THR B 14 14.16 12.32 -2.84
CA THR B 14 14.80 12.99 -3.97
C THR B 14 13.78 13.21 -5.08
N LEU B 15 14.20 13.95 -6.11
CA LEU B 15 13.37 14.22 -7.26
C LEU B 15 12.87 12.90 -7.87
N ASP B 16 13.82 12.05 -8.29
CA ASP B 16 13.48 10.77 -8.92
C ASP B 16 12.49 9.93 -8.13
N GLU B 17 12.71 9.82 -6.82
CA GLU B 17 11.82 9.02 -5.98
C GLU B 17 10.38 9.53 -6.01
N ILE B 18 10.21 10.86 -5.94
CA ILE B 18 8.88 11.46 -5.98
C ILE B 18 8.27 11.19 -7.35
N TYR B 19 9.05 11.40 -8.41
CA TYR B 19 8.58 11.17 -9.78
C TYR B 19 8.16 9.70 -9.97
N ASP B 20 8.90 8.77 -9.33
CA ASP B 20 8.55 7.34 -9.40
C ASP B 20 7.30 7.07 -8.58
N PHE B 21 7.08 7.87 -7.54
CA PHE B 21 5.89 7.74 -6.69
C PHE B 21 4.68 8.14 -7.53
N MET B 22 4.80 9.21 -8.31
CA MET B 22 3.69 9.67 -9.15
C MET B 22 3.27 8.59 -10.10
N ASP B 23 4.26 7.86 -10.61
CA ASP B 23 4.00 6.76 -11.53
C ASP B 23 3.31 5.60 -10.84
N LEU B 24 3.76 5.28 -9.64
CA LEU B 24 3.15 4.21 -8.85
C LEU B 24 1.67 4.54 -8.59
N LEU B 25 1.43 5.72 -8.05
CA LEU B 25 0.07 6.14 -7.75
C LEU B 25 -0.86 6.03 -8.96
N VAL B 26 -0.40 6.49 -10.12
CA VAL B 26 -1.19 6.45 -11.35
C VAL B 26 -1.51 5.03 -11.78
N ALA B 27 -0.50 4.16 -11.76
CA ALA B 27 -0.68 2.76 -12.13
C ALA B 27 -1.70 2.09 -11.21
N GLN B 28 -1.59 2.34 -9.90
CA GLN B 28 -2.48 1.75 -8.91
C GLN B 28 -3.91 2.30 -8.89
N HIS B 29 -4.11 3.53 -9.39
CA HIS B 29 -5.44 4.15 -9.41
C HIS B 29 -5.71 4.77 -10.78
N PRO B 30 -5.71 3.93 -11.85
CA PRO B 30 -5.93 4.34 -13.23
C PRO B 30 -7.20 5.14 -13.52
N GLU B 31 -8.23 4.96 -12.72
CA GLU B 31 -9.47 5.67 -12.94
C GLU B 31 -9.73 6.88 -12.03
N LEU B 32 -8.69 7.33 -11.33
CA LEU B 32 -8.85 8.48 -10.44
C LEU B 32 -7.76 9.51 -10.68
N VAL B 33 -6.53 9.05 -10.86
CA VAL B 33 -5.42 9.97 -11.06
C VAL B 33 -4.71 9.85 -12.40
N SER B 34 -4.28 10.99 -12.93
CA SER B 34 -3.55 11.07 -14.19
C SER B 34 -2.28 11.90 -13.94
N LYS B 35 -1.27 11.71 -14.79
CA LYS B 35 -0.03 12.45 -14.68
C LYS B 35 0.11 13.33 -15.94
N LEU B 36 -0.11 14.63 -15.77
CA LEU B 36 0.01 15.57 -16.86
C LEU B 36 1.39 16.21 -16.80
N GLN B 37 1.91 16.56 -17.97
CA GLN B 37 3.18 17.26 -18.09
C GLN B 37 2.78 18.63 -18.61
N ILE B 38 2.86 19.63 -17.76
CA ILE B 38 2.46 20.97 -18.15
C ILE B 38 3.58 21.85 -18.69
N GLY B 39 4.81 21.36 -18.70
CA GLY B 39 5.92 22.13 -19.24
C GLY B 39 7.26 21.46 -19.08
N ARG B 40 8.31 22.23 -19.35
CA ARG B 40 9.68 21.79 -19.23
C ARG B 40 10.42 22.90 -18.49
N SER B 41 11.14 22.52 -17.45
CA SER B 41 11.91 23.45 -16.64
C SER B 41 13.03 24.08 -17.50
N TYR B 42 13.71 25.08 -16.95
CA TYR B 42 14.78 25.77 -17.68
C TYR B 42 15.85 24.78 -18.13
N GLU B 43 16.23 23.87 -17.24
CA GLU B 43 17.25 22.87 -17.55
C GLU B 43 16.68 21.66 -18.27
N GLY B 44 15.45 21.78 -18.74
CA GLY B 44 14.81 20.71 -19.51
C GLY B 44 14.04 19.60 -18.83
N ARG B 45 13.95 19.61 -17.50
CA ARG B 45 13.22 18.55 -16.80
C ARG B 45 11.71 18.69 -16.99
N PRO B 46 10.97 17.57 -16.86
CA PRO B 46 9.52 17.66 -17.03
C PRO B 46 8.87 18.31 -15.80
N ILE B 47 7.74 18.95 -16.01
CA ILE B 47 6.97 19.57 -14.92
C ILE B 47 5.65 18.77 -14.85
N TYR B 48 5.50 17.97 -13.79
CA TYR B 48 4.31 17.12 -13.61
C TYR B 48 3.24 17.61 -12.65
N VAL B 49 1.99 17.49 -13.09
CA VAL B 49 0.86 17.83 -12.26
C VAL B 49 -0.07 16.63 -12.29
N LEU B 50 -0.48 16.17 -11.12
CA LEU B 50 -1.41 15.04 -11.01
C LEU B 50 -2.83 15.57 -11.05
N LYS B 51 -3.68 14.93 -11.84
CA LYS B 51 -5.06 15.34 -11.91
C LYS B 51 -5.86 14.27 -11.21
N PHE B 52 -6.70 14.69 -10.26
CA PHE B 52 -7.56 13.78 -9.53
C PHE B 52 -8.97 14.09 -10.01
N SER B 53 -9.61 13.11 -10.63
CA SER B 53 -10.95 13.33 -11.16
C SER B 53 -11.80 12.07 -11.19
N THR B 54 -13.11 12.27 -11.15
CA THR B 54 -14.04 11.15 -11.21
C THR B 54 -14.93 11.31 -12.44
N GLY B 55 -14.52 12.12 -13.41
CA GLY B 55 -15.32 12.30 -14.60
C GLY B 55 -15.52 13.72 -15.07
N GLY B 56 -16.54 13.90 -15.90
CA GLY B 56 -16.85 15.21 -16.44
C GLY B 56 -15.83 15.59 -17.49
N SER B 57 -16.03 16.71 -18.17
CA SER B 57 -15.08 17.14 -19.20
C SER B 57 -14.10 18.17 -18.65
N ASN B 58 -14.62 19.28 -18.15
CA ASN B 58 -13.77 20.33 -17.57
C ASN B 58 -14.44 20.89 -16.32
N ARG B 59 -14.67 20.02 -15.35
CA ARG B 59 -15.32 20.38 -14.10
C ARG B 59 -14.58 21.49 -13.36
N PRO B 60 -15.30 22.24 -12.50
CA PRO B 60 -14.67 23.31 -11.71
C PRO B 60 -13.53 22.62 -10.98
N ALA B 61 -12.46 23.36 -10.67
CA ALA B 61 -11.32 22.72 -10.04
C ALA B 61 -10.54 23.54 -9.03
N ILE B 62 -9.75 22.81 -8.25
CA ILE B 62 -8.87 23.39 -7.24
C ILE B 62 -7.42 23.15 -7.71
N TRP B 63 -6.61 24.18 -7.57
CA TRP B 63 -5.20 24.08 -7.92
C TRP B 63 -4.41 24.06 -6.62
N ILE B 64 -3.46 23.13 -6.47
CA ILE B 64 -2.63 23.08 -5.27
C ILE B 64 -1.16 22.92 -5.67
N ASP B 65 -0.32 23.89 -5.37
CA ASP B 65 1.09 23.71 -5.69
C ASP B 65 1.97 23.73 -4.44
N LEU B 66 3.12 23.09 -4.56
CA LEU B 66 4.06 23.01 -3.47
C LEU B 66 5.45 23.11 -4.09
N GLY B 67 6.44 23.36 -3.25
CA GLY B 67 7.81 23.42 -3.73
C GLY B 67 8.20 24.48 -4.73
N ILE B 68 7.47 25.59 -4.82
CA ILE B 68 7.86 26.65 -5.75
C ILE B 68 9.23 27.20 -5.27
N HIS B 69 9.37 27.35 -3.96
CA HIS B 69 10.65 27.76 -3.38
C HIS B 69 11.29 26.44 -2.95
N SER B 70 12.26 25.99 -3.73
CA SER B 70 12.90 24.69 -3.52
C SER B 70 13.26 24.22 -2.13
N ARG B 71 13.94 25.07 -1.36
CA ARG B 71 14.35 24.73 0.00
C ARG B 71 13.27 24.34 1.02
N GLU B 72 12.00 24.58 0.69
CA GLU B 72 10.93 24.27 1.63
C GLU B 72 10.46 22.84 1.51
N TRP B 73 11.39 21.94 1.79
CA TRP B 73 11.19 20.50 1.70
C TRP B 73 9.93 19.93 2.35
N ILE B 74 9.45 20.56 3.42
CA ILE B 74 8.25 20.06 4.07
C ILE B 74 7.06 20.14 3.10
N THR B 75 7.13 21.05 2.13
CA THR B 75 6.05 21.21 1.18
C THR B 75 5.98 20.04 0.19
N GLN B 76 7.12 19.58 -0.32
CA GLN B 76 7.07 18.44 -1.24
C GLN B 76 6.65 17.20 -0.45
N ALA B 77 7.13 17.09 0.79
CA ALA B 77 6.77 15.95 1.66
C ALA B 77 5.27 15.92 1.92
N THR B 78 4.68 17.08 2.12
CA THR B 78 3.24 17.18 2.38
C THR B 78 2.45 16.91 1.08
N GLY B 79 3.04 17.26 -0.07
CA GLY B 79 2.40 17.04 -1.37
C GLY B 79 2.24 15.56 -1.67
N VAL B 80 3.28 14.78 -1.41
CA VAL B 80 3.25 13.34 -1.60
C VAL B 80 2.26 12.68 -0.62
N TRP B 81 2.16 13.20 0.60
CA TRP B 81 1.21 12.63 1.57
C TRP B 81 -0.24 12.92 1.14
N PHE B 82 -0.48 14.13 0.65
CA PHE B 82 -1.81 14.53 0.16
C PHE B 82 -2.26 13.64 -1.02
N ALA B 83 -1.35 13.41 -1.96
CA ALA B 83 -1.65 12.61 -3.13
C ALA B 83 -2.10 11.21 -2.72
N LYS B 84 -1.42 10.64 -1.73
CA LYS B 84 -1.76 9.32 -1.22
C LYS B 84 -3.11 9.40 -0.54
N LYS B 85 -3.23 10.37 0.37
CA LYS B 85 -4.46 10.65 1.13
C LYS B 85 -5.74 10.72 0.25
N PHE B 86 -5.66 11.44 -0.86
CA PHE B 86 -6.81 11.59 -1.76
C PHE B 86 -7.35 10.22 -2.19
N THR B 87 -6.45 9.34 -2.63
CA THR B 87 -6.80 7.99 -3.10
C THR B 87 -7.33 7.08 -2.00
N GLU B 88 -6.95 7.36 -0.76
CA GLU B 88 -7.41 6.57 0.38
C GLU B 88 -8.77 7.06 0.93
N ASN B 89 -9.05 8.35 0.78
CA ASN B 89 -10.28 8.95 1.29
C ASN B 89 -11.47 8.97 0.35
N TYR B 90 -11.22 8.96 -0.95
CA TYR B 90 -12.33 8.99 -1.91
C TYR B 90 -13.15 7.70 -1.83
N GLY B 91 -14.43 7.88 -1.54
CA GLY B 91 -15.33 6.75 -1.36
C GLY B 91 -15.39 6.25 0.10
N GLN B 92 -14.58 6.82 1.00
CA GLN B 92 -14.57 6.40 2.40
C GLN B 92 -14.86 7.58 3.35
N ASN B 93 -14.56 8.79 2.90
CA ASN B 93 -14.82 10.00 3.69
C ASN B 93 -15.91 10.75 2.92
N PRO B 94 -17.14 10.77 3.47
CA PRO B 94 -18.27 11.46 2.81
C PRO B 94 -17.98 12.90 2.37
N SER B 95 -17.12 13.59 3.11
CA SER B 95 -16.80 14.97 2.76
C SER B 95 -15.92 15.08 1.53
N PHE B 96 -14.79 14.37 1.53
CA PHE B 96 -13.88 14.40 0.39
C PHE B 96 -14.54 13.81 -0.87
N THR B 97 -15.27 12.71 -0.72
CA THR B 97 -15.96 12.09 -1.85
C THR B 97 -16.91 13.08 -2.52
N ALA B 98 -17.61 13.86 -1.72
CA ALA B 98 -18.55 14.85 -2.24
C ALA B 98 -17.79 15.89 -3.07
N ILE B 99 -16.55 16.18 -2.69
CA ILE B 99 -15.73 17.13 -3.43
C ILE B 99 -15.34 16.59 -4.79
N LEU B 100 -14.75 15.40 -4.82
CA LEU B 100 -14.31 14.81 -6.09
C LEU B 100 -15.45 14.49 -7.04
N ASP B 101 -16.60 14.13 -6.50
CA ASP B 101 -17.77 13.84 -7.33
C ASP B 101 -18.17 15.01 -8.23
N SER B 102 -17.87 16.23 -7.80
CA SER B 102 -18.22 17.42 -8.57
C SER B 102 -17.04 18.23 -9.13
N MET B 103 -15.89 18.15 -8.47
CA MET B 103 -14.73 18.93 -8.90
C MET B 103 -13.46 18.13 -9.13
N ASP B 104 -12.54 18.72 -9.89
CA ASP B 104 -11.25 18.10 -10.17
C ASP B 104 -10.23 18.80 -9.32
N ILE B 105 -9.21 18.07 -8.90
CA ILE B 105 -8.13 18.66 -8.11
C ILE B 105 -6.84 18.48 -8.91
N PHE B 106 -6.06 19.55 -9.06
CA PHE B 106 -4.79 19.50 -9.78
C PHE B 106 -3.67 19.79 -8.79
N LEU B 107 -2.85 18.76 -8.54
CA LEU B 107 -1.77 18.82 -7.57
C LEU B 107 -0.37 18.86 -8.19
N GLU B 108 0.38 19.92 -7.93
CA GLU B 108 1.75 20.03 -8.44
C GLU B 108 2.69 19.98 -7.26
N ILE B 109 3.32 18.83 -7.06
CA ILE B 109 4.21 18.62 -5.92
C ILE B 109 5.58 19.27 -6.04
N VAL B 110 6.17 19.19 -7.22
CA VAL B 110 7.49 19.80 -7.44
C VAL B 110 7.31 20.92 -8.45
N THR B 111 7.06 22.14 -7.96
CA THR B 111 6.84 23.30 -8.81
C THR B 111 8.12 23.90 -9.39
N ASN B 112 9.25 23.56 -8.80
CA ASN B 112 10.55 24.07 -9.23
C ASN B 112 11.54 22.89 -9.09
N PRO B 113 11.49 21.95 -10.05
CA PRO B 113 12.39 20.77 -10.02
C PRO B 113 13.90 21.07 -10.12
N ASN B 114 14.28 22.08 -10.91
CA ASN B 114 15.70 22.44 -11.05
C ASN B 114 16.23 22.90 -9.69
N GLY B 115 15.47 23.73 -9.00
CA GLY B 115 15.90 24.18 -7.69
C GLY B 115 15.93 23.02 -6.72
N PHE B 116 14.94 22.14 -6.81
CA PHE B 116 14.84 20.97 -5.93
C PHE B 116 16.03 20.03 -6.12
N ALA B 117 16.45 19.84 -7.36
CA ALA B 117 17.59 18.99 -7.66
C ALA B 117 18.82 19.63 -7.00
N PHE B 118 18.92 20.95 -7.15
CA PHE B 118 20.03 21.71 -6.59
C PHE B 118 20.12 21.60 -5.06
N THR B 119 18.98 21.62 -4.38
CA THR B 119 19.01 21.54 -2.91
C THR B 119 19.59 20.22 -2.47
N HIS B 120 19.36 19.18 -3.27
CA HIS B 120 19.86 17.86 -2.96
C HIS B 120 21.34 17.69 -3.32
N SER B 121 21.73 18.19 -4.49
CA SER B 121 23.10 18.00 -4.95
C SER B 121 24.14 19.04 -4.60
N GLU B 122 23.71 20.27 -4.34
CA GLU B 122 24.69 21.33 -4.11
C GLU B 122 24.52 22.32 -2.97
N ASN B 123 23.29 22.71 -2.69
CA ASN B 123 23.04 23.77 -1.71
C ASN B 123 21.63 23.59 -1.13
N ARG B 124 21.56 23.06 0.09
CA ARG B 124 20.29 22.79 0.80
C ARG B 124 19.28 23.93 0.91
N LEU B 125 19.79 25.16 1.05
CA LEU B 125 18.91 26.32 1.19
C LEU B 125 18.65 27.13 -0.07
N TRP B 126 18.80 26.50 -1.23
CA TRP B 126 18.52 27.21 -2.50
C TRP B 126 17.01 27.49 -2.58
N ARG B 127 16.63 28.71 -2.97
CA ARG B 127 15.21 29.06 -3.06
C ARG B 127 14.65 29.31 -4.46
N LYS B 128 15.49 29.92 -5.30
CA LYS B 128 15.12 30.30 -6.65
C LYS B 128 15.13 29.20 -7.72
N THR B 129 14.90 29.63 -8.95
CA THR B 129 14.95 28.76 -10.13
C THR B 129 16.44 28.71 -10.47
N ARG B 130 16.77 28.09 -11.60
CA ARG B 130 18.17 27.98 -12.03
C ARG B 130 18.44 28.64 -13.39
N SER B 131 17.56 29.54 -13.82
CA SER B 131 17.75 30.23 -15.10
C SER B 131 18.94 31.18 -15.05
N VAL B 132 19.53 31.45 -16.22
CA VAL B 132 20.68 32.35 -16.36
C VAL B 132 20.59 33.02 -17.72
N THR B 133 21.63 33.79 -18.06
CA THR B 133 21.81 34.52 -19.33
C THR B 133 21.68 36.05 -19.27
N SER B 134 22.78 36.71 -19.65
CA SER B 134 22.96 38.17 -19.69
C SER B 134 24.45 38.38 -19.39
N SER B 135 24.76 39.18 -18.37
CA SER B 135 26.14 39.46 -17.99
C SER B 135 26.32 39.25 -16.48
N SER B 136 25.44 38.46 -15.88
CA SER B 136 25.51 38.21 -14.44
C SER B 136 25.99 36.80 -14.13
N LEU B 137 26.78 36.67 -13.07
CA LEU B 137 27.25 35.37 -12.63
C LEU B 137 26.34 34.82 -11.52
N CYS B 138 25.17 35.44 -11.38
CA CYS B 138 24.19 35.03 -10.41
C CYS B 138 23.13 34.24 -11.15
N VAL B 139 22.58 33.24 -10.47
CA VAL B 139 21.60 32.36 -11.06
C VAL B 139 20.28 32.30 -10.32
N GLY B 140 19.18 32.29 -11.07
CA GLY B 140 17.88 32.12 -10.47
C GLY B 140 17.04 33.32 -10.18
N VAL B 141 15.74 33.10 -10.31
CA VAL B 141 14.71 34.09 -10.06
C VAL B 141 13.80 33.54 -8.96
N ASP B 142 13.31 34.42 -8.10
CA ASP B 142 12.39 34.03 -7.05
C ASP B 142 11.08 33.82 -7.83
N ALA B 143 10.68 32.55 -7.96
CA ALA B 143 9.48 32.19 -8.67
C ALA B 143 8.22 32.80 -8.06
N ASN B 144 8.23 33.06 -6.74
CA ASN B 144 7.06 33.69 -6.13
C ASN B 144 7.16 35.23 -5.99
N ARG B 145 7.79 35.85 -6.99
CA ARG B 145 7.94 37.31 -7.11
C ARG B 145 7.90 37.61 -8.59
N ASN B 146 7.70 36.55 -9.39
CA ASN B 146 7.73 36.62 -10.86
C ASN B 146 6.35 36.70 -11.53
N TRP B 147 5.30 36.55 -10.73
CA TRP B 147 3.94 36.57 -11.27
C TRP B 147 3.47 37.98 -11.64
N ASP B 148 2.58 38.01 -12.62
CA ASP B 148 2.02 39.26 -13.13
C ASP B 148 0.99 39.82 -12.15
N ALA B 149 1.47 40.35 -11.05
CA ALA B 149 0.63 40.93 -10.00
C ALA B 149 1.55 41.84 -9.22
N GLY B 150 1.57 43.11 -9.61
CA GLY B 150 2.41 44.08 -8.93
C GLY B 150 3.89 43.76 -9.10
N PHE B 151 4.21 43.13 -10.23
CA PHE B 151 5.59 42.76 -10.54
C PHE B 151 6.56 43.95 -10.51
N GLY B 152 7.72 43.75 -9.91
CA GLY B 152 8.71 44.81 -9.88
C GLY B 152 8.53 45.83 -8.77
N LYS B 153 7.34 45.86 -8.16
CA LYS B 153 7.10 46.80 -7.07
C LYS B 153 7.81 46.36 -5.80
N ALA B 154 7.77 47.21 -4.79
CA ALA B 154 8.42 46.95 -3.52
C ALA B 154 8.03 45.57 -2.99
N GLY B 155 9.00 44.89 -2.37
CA GLY B 155 8.76 43.55 -1.84
C GLY B 155 9.28 42.49 -2.80
N ALA B 156 10.28 42.87 -3.59
CA ALA B 156 10.95 42.01 -4.55
C ALA B 156 12.29 42.70 -4.79
N SER B 157 13.30 41.91 -5.12
CA SER B 157 14.64 42.46 -5.33
C SER B 157 14.92 42.81 -6.77
N SER B 158 15.76 43.81 -6.90
CA SER B 158 16.19 44.34 -8.18
C SER B 158 17.42 43.64 -8.73
N SER B 159 18.36 43.25 -7.86
CA SER B 159 19.57 42.61 -8.35
C SER B 159 19.42 41.10 -8.55
N PRO B 160 19.85 40.60 -9.73
CA PRO B 160 19.80 39.19 -10.09
C PRO B 160 20.37 38.30 -8.99
N CYS B 161 21.30 38.88 -8.25
CA CYS B 161 22.00 38.19 -7.17
C CYS B 161 21.24 37.93 -5.87
N SER B 162 20.07 38.52 -5.70
CA SER B 162 19.29 38.35 -4.49
C SER B 162 18.30 37.17 -4.48
N GLU B 163 18.01 36.71 -3.26
CA GLU B 163 17.07 35.63 -3.00
C GLU B 163 15.68 35.98 -3.52
N THR B 164 15.34 37.27 -3.50
CA THR B 164 14.03 37.71 -3.91
C THR B 164 14.02 38.38 -5.27
N TYR B 165 15.05 38.13 -6.08
CA TYR B 165 15.13 38.70 -7.41
C TYR B 165 13.87 38.31 -8.20
N HIS B 166 13.18 39.32 -8.72
CA HIS B 166 11.94 39.09 -9.46
C HIS B 166 12.08 38.64 -10.91
N GLY B 167 13.27 38.69 -11.48
CA GLY B 167 13.45 38.33 -12.87
C GLY B 167 13.44 39.56 -13.75
N LYS B 168 13.77 39.42 -15.02
CA LYS B 168 13.79 40.56 -15.93
C LYS B 168 12.40 40.96 -16.43
N TYR B 169 11.40 40.14 -16.13
CA TYR B 169 10.02 40.43 -16.48
C TYR B 169 9.10 39.36 -15.92
N ALA B 170 7.82 39.68 -15.78
CA ALA B 170 6.82 38.74 -15.24
C ALA B 170 6.74 37.52 -16.12
N ASN B 171 6.59 36.34 -15.51
CA ASN B 171 6.49 35.07 -16.22
C ASN B 171 7.76 34.72 -17.01
N SER B 172 8.90 35.23 -16.56
CA SER B 172 10.14 34.91 -17.25
C SER B 172 10.56 33.45 -16.97
N GLU B 173 10.12 32.92 -15.84
CA GLU B 173 10.45 31.55 -15.47
C GLU B 173 9.42 30.62 -16.03
N VAL B 174 9.87 29.62 -16.77
CA VAL B 174 8.96 28.66 -17.37
C VAL B 174 8.15 27.92 -16.31
N GLU B 175 8.74 27.70 -15.15
CA GLU B 175 8.06 27.02 -14.05
C GLU B 175 6.77 27.75 -13.74
N VAL B 176 6.85 29.09 -13.70
CA VAL B 176 5.69 29.94 -13.42
C VAL B 176 4.76 30.06 -14.63
N LYS B 177 5.32 30.45 -15.78
CA LYS B 177 4.51 30.60 -16.98
C LYS B 177 3.73 29.32 -17.37
N SER B 178 4.30 28.15 -17.09
CA SER B 178 3.61 26.90 -17.41
C SER B 178 2.30 26.82 -16.64
N ILE B 179 2.33 27.24 -15.37
CA ILE B 179 1.14 27.24 -14.51
C ILE B 179 0.16 28.28 -15.04
N VAL B 180 0.69 29.46 -15.36
CA VAL B 180 -0.12 30.57 -15.89
C VAL B 180 -0.91 30.08 -17.11
N ASP B 181 -0.20 29.46 -18.06
CA ASP B 181 -0.81 28.98 -19.29
C ASP B 181 -1.92 27.97 -19.00
N PHE B 182 -1.58 26.99 -18.16
CA PHE B 182 -2.50 25.92 -17.79
C PHE B 182 -3.80 26.45 -17.19
N VAL B 183 -3.67 27.34 -16.22
CA VAL B 183 -4.82 27.94 -15.55
C VAL B 183 -5.67 28.78 -16.51
N LYS B 184 -5.03 29.52 -17.41
CA LYS B 184 -5.73 30.33 -18.39
C LYS B 184 -6.46 29.44 -19.40
N ASN B 185 -5.79 28.38 -19.84
CA ASN B 185 -6.38 27.47 -20.82
C ASN B 185 -7.53 26.65 -20.24
N HIS B 186 -7.38 26.21 -18.99
CA HIS B 186 -8.40 25.42 -18.31
C HIS B 186 -9.67 26.26 -18.15
N GLY B 187 -9.48 27.44 -17.57
CA GLY B 187 -10.56 28.38 -17.38
C GLY B 187 -11.55 28.10 -16.27
N ASN B 188 -11.58 26.88 -15.75
CA ASN B 188 -12.56 26.60 -14.70
C ASN B 188 -12.05 26.43 -13.27
N PHE B 189 -10.94 27.11 -12.97
CA PHE B 189 -10.39 27.08 -11.61
C PHE B 189 -11.20 27.92 -10.65
N LYS B 190 -11.53 27.31 -9.51
CA LYS B 190 -12.34 27.96 -8.47
C LYS B 190 -11.51 28.33 -7.23
N ALA B 191 -10.50 27.53 -6.93
CA ALA B 191 -9.63 27.80 -5.79
C ALA B 191 -8.19 27.64 -6.25
N PHE B 192 -7.25 28.24 -5.52
CA PHE B 192 -5.82 28.21 -5.86
C PHE B 192 -5.05 28.29 -4.54
N LEU B 193 -4.45 27.16 -4.16
CA LEU B 193 -3.69 27.05 -2.93
C LEU B 193 -2.21 26.87 -3.23
N SER B 194 -1.47 27.84 -2.74
CA SER B 194 -0.06 27.94 -2.92
C SER B 194 0.66 27.59 -1.60
N ILE B 195 1.34 26.43 -1.53
CA ILE B 195 2.00 26.00 -0.28
C ILE B 195 3.50 26.30 -0.15
N HIS B 196 3.84 26.82 1.02
CA HIS B 196 5.18 27.25 1.39
C HIS B 196 5.49 27.02 2.88
N SER B 197 6.76 27.16 3.23
CA SER B 197 7.16 27.18 4.60
C SER B 197 8.15 28.34 4.68
N TYR B 198 8.35 28.92 5.86
CA TYR B 198 7.71 28.54 7.13
C TYR B 198 7.19 29.82 7.76
N SER B 199 6.52 29.68 8.90
CA SER B 199 5.97 30.73 9.72
C SER B 199 4.61 30.47 10.34
N GLN B 200 3.90 29.46 9.84
CA GLN B 200 2.58 29.09 10.35
C GLN B 200 1.59 30.25 10.12
N LEU B 201 1.33 30.52 8.84
CA LEU B 201 0.42 31.57 8.40
C LEU B 201 -0.51 31.03 7.31
N LEU B 202 -1.66 31.67 7.15
CA LEU B 202 -2.62 31.33 6.09
C LEU B 202 -3.00 32.71 5.59
N LEU B 203 -2.51 33.04 4.40
CA LEU B 203 -2.66 34.35 3.80
C LEU B 203 -3.56 34.44 2.60
N TYR B 204 -4.23 35.59 2.48
CA TYR B 204 -5.05 35.89 1.30
C TYR B 204 -4.53 37.22 0.71
N PRO B 205 -4.89 37.54 -0.54
CA PRO B 205 -4.50 38.76 -1.26
C PRO B 205 -4.85 40.09 -0.52
N TYR B 206 -4.09 41.16 -0.73
CA TYR B 206 -2.94 41.27 -1.62
C TYR B 206 -1.59 41.47 -0.87
N GLY B 207 -0.48 41.33 -1.60
CA GLY B 207 0.83 41.55 -1.02
C GLY B 207 1.47 42.77 -1.65
N TYR B 208 1.20 43.03 -2.93
CA TYR B 208 1.79 44.17 -3.62
C TYR B 208 1.11 45.49 -3.29
N THR B 209 -0.14 45.42 -2.84
CA THR B 209 -0.87 46.64 -2.53
C THR B 209 -1.64 46.53 -1.21
N THR B 210 -1.82 47.67 -0.55
CA THR B 210 -2.57 47.71 0.72
C THR B 210 -4.07 47.79 0.44
N GLN B 211 -4.45 47.73 -0.83
CA GLN B 211 -5.86 47.77 -1.25
C GLN B 211 -6.59 46.50 -0.80
N SER B 212 -7.80 46.69 -0.27
CA SER B 212 -8.61 45.55 0.16
C SER B 212 -9.26 44.85 -1.02
N ILE B 213 -9.25 43.52 -0.97
CA ILE B 213 -9.91 42.74 -2.01
C ILE B 213 -11.42 42.84 -1.79
N PRO B 214 -12.19 42.84 -2.88
CA PRO B 214 -13.66 42.92 -2.86
C PRO B 214 -14.26 41.82 -1.98
N ASP B 215 -13.54 40.72 -1.83
CA ASP B 215 -14.02 39.60 -1.03
C ASP B 215 -13.36 39.45 0.34
N LYS B 216 -12.86 40.56 0.88
CA LYS B 216 -12.17 40.53 2.16
C LYS B 216 -12.97 39.87 3.30
N THR B 217 -14.24 40.24 3.44
CA THR B 217 -15.08 39.67 4.50
C THR B 217 -15.20 38.14 4.43
N GLU B 218 -15.52 37.64 3.25
CA GLU B 218 -15.68 36.20 3.06
C GLU B 218 -14.40 35.41 3.27
N LEU B 219 -13.31 35.88 2.68
CA LEU B 219 -12.03 35.16 2.78
C LEU B 219 -11.47 35.09 4.19
N ASN B 220 -11.58 36.19 4.93
CA ASN B 220 -11.08 36.22 6.30
C ASN B 220 -11.81 35.20 7.19
N GLN B 221 -13.12 35.07 7.01
CA GLN B 221 -13.90 34.12 7.80
C GLN B 221 -13.53 32.70 7.41
N VAL B 222 -13.33 32.43 6.12
CA VAL B 222 -12.93 31.08 5.71
C VAL B 222 -11.55 30.75 6.30
N ALA B 223 -10.63 31.70 6.25
CA ALA B 223 -9.29 31.50 6.80
C ALA B 223 -9.37 31.16 8.30
N LYS B 224 -10.28 31.83 9.00
CA LYS B 224 -10.52 31.62 10.41
C LYS B 224 -10.98 30.16 10.65
N SER B 225 -11.86 29.67 9.79
CA SER B 225 -12.38 28.30 9.89
C SER B 225 -11.28 27.27 9.58
N ALA B 226 -10.51 27.54 8.53
CA ALA B 226 -9.44 26.62 8.14
C ALA B 226 -8.41 26.50 9.25
N VAL B 227 -8.02 27.65 9.79
CA VAL B 227 -7.04 27.75 10.86
C VAL B 227 -7.54 26.99 12.11
N ALA B 228 -8.83 27.06 12.38
CA ALA B 228 -9.42 26.37 13.53
C ALA B 228 -9.42 24.85 13.32
N ALA B 229 -9.68 24.40 12.10
CA ALA B 229 -9.69 22.97 11.80
C ALA B 229 -8.26 22.45 11.92
N LEU B 230 -7.30 23.25 11.47
CA LEU B 230 -5.88 22.89 11.52
C LEU B 230 -5.37 22.73 12.95
N LYS B 231 -5.66 23.72 13.79
CA LYS B 231 -5.25 23.74 15.17
C LYS B 231 -5.89 22.62 16.00
N SER B 232 -7.07 22.18 15.59
CA SER B 232 -7.80 21.14 16.33
C SER B 232 -7.04 19.83 16.58
N LEU B 233 -6.12 19.48 15.69
CA LEU B 233 -5.39 18.25 15.81
C LEU B 233 -4.29 18.18 16.86
N TYR B 234 -3.25 18.99 16.68
CA TYR B 234 -2.07 19.00 17.57
C TYR B 234 -1.92 20.29 18.35
N GLY B 235 -2.84 21.23 18.14
CA GLY B 235 -2.77 22.50 18.83
C GLY B 235 -1.90 23.54 18.11
N THR B 236 -1.45 23.23 16.88
CA THR B 236 -0.62 24.16 16.12
C THR B 236 -1.30 25.51 15.87
N SER B 237 -0.61 26.59 16.22
CA SER B 237 -1.14 27.95 16.10
C SER B 237 -0.79 28.65 14.81
N TYR B 238 -1.81 29.11 14.10
CA TYR B 238 -1.63 29.83 12.86
C TYR B 238 -2.24 31.23 12.85
N LYS B 239 -1.56 32.17 12.21
CA LYS B 239 -2.03 33.52 12.04
C LYS B 239 -2.66 33.55 10.63
N TYR B 240 -3.48 34.55 10.36
CA TYR B 240 -4.12 34.69 9.06
C TYR B 240 -4.50 36.16 8.76
N GLY B 241 -4.66 36.46 7.48
CA GLY B 241 -4.99 37.80 7.04
C GLY B 241 -4.43 38.01 5.66
N SER B 242 -4.45 39.25 5.16
CA SER B 242 -3.90 39.57 3.85
C SER B 242 -2.38 39.61 3.95
N ILE B 243 -1.70 39.16 2.91
CA ILE B 243 -0.24 39.11 2.89
C ILE B 243 0.46 40.39 3.39
N ILE B 244 0.04 41.53 2.87
CA ILE B 244 0.69 42.78 3.22
C ILE B 244 0.68 43.18 4.70
N THR B 245 -0.40 42.91 5.42
CA THR B 245 -0.44 43.27 6.83
C THR B 245 -0.22 42.01 7.68
N THR B 246 0.12 40.92 7.01
CA THR B 246 0.39 39.64 7.68
C THR B 246 1.86 39.42 7.99
N ILE B 247 2.67 39.38 6.93
CA ILE B 247 4.11 39.19 7.09
C ILE B 247 4.70 40.49 6.63
N TYR B 248 4.61 40.69 5.32
CA TYR B 248 5.19 41.85 4.68
C TYR B 248 4.71 42.05 3.26
N GLN B 249 5.01 43.23 2.73
CA GLN B 249 4.68 43.59 1.37
C GLN B 249 5.49 42.62 0.52
N ALA B 250 4.88 42.15 -0.56
CA ALA B 250 5.53 41.21 -1.46
C ALA B 250 4.90 41.40 -2.83
N SER B 251 5.72 41.66 -3.84
CA SER B 251 5.22 41.86 -5.18
C SER B 251 5.43 40.62 -6.04
N GLY B 252 4.50 40.37 -6.96
CA GLY B 252 4.62 39.22 -7.85
C GLY B 252 4.24 37.88 -7.26
N GLY B 253 3.41 37.88 -6.23
CA GLY B 253 2.97 36.65 -5.59
C GLY B 253 1.91 35.92 -6.42
N SER B 254 2.01 34.60 -6.44
CA SER B 254 1.10 33.73 -7.22
C SER B 254 -0.36 34.04 -6.95
N ILE B 255 -0.65 34.13 -5.66
CA ILE B 255 -1.97 34.37 -5.15
C ILE B 255 -2.61 35.70 -5.60
N ASP B 256 -1.80 36.74 -5.71
CA ASP B 256 -2.31 38.01 -6.17
C ASP B 256 -2.66 37.85 -7.63
N TRP B 257 -1.89 37.02 -8.33
CA TRP B 257 -2.13 36.75 -9.73
C TRP B 257 -3.45 35.99 -9.92
N SER B 258 -3.60 34.84 -9.27
CA SER B 258 -4.81 34.04 -9.43
C SER B 258 -6.10 34.76 -9.05
N TYR B 259 -6.03 35.57 -7.99
CA TYR B 259 -7.19 36.32 -7.53
C TYR B 259 -7.65 37.29 -8.62
N ASN B 260 -6.71 38.06 -9.16
CA ASN B 260 -7.03 39.01 -10.22
C ASN B 260 -7.61 38.35 -11.45
N GLN B 261 -7.39 37.05 -11.61
CA GLN B 261 -7.94 36.32 -12.74
C GLN B 261 -9.34 35.75 -12.41
N GLY B 262 -9.92 36.15 -11.29
CA GLY B 262 -11.25 35.66 -10.96
C GLY B 262 -11.32 34.40 -10.12
N ILE B 263 -10.18 33.90 -9.63
CA ILE B 263 -10.19 32.70 -8.77
C ILE B 263 -10.30 33.29 -7.37
N LYS B 264 -11.51 33.28 -6.83
CA LYS B 264 -11.77 33.90 -5.54
C LYS B 264 -11.03 33.32 -4.34
N TYR B 265 -11.05 32.00 -4.25
CA TYR B 265 -10.45 31.29 -3.14
C TYR B 265 -8.97 31.02 -3.33
N SER B 266 -8.19 32.10 -3.34
CA SER B 266 -6.74 32.02 -3.51
C SER B 266 -6.04 32.23 -2.16
N PHE B 267 -5.45 31.16 -1.63
CA PHE B 267 -4.76 31.20 -0.33
C PHE B 267 -3.33 30.67 -0.36
N THR B 268 -2.43 31.32 0.37
CA THR B 268 -1.05 30.85 0.48
C THR B 268 -0.85 30.33 1.91
N PHE B 269 -0.38 29.11 2.06
CA PHE B 269 -0.09 28.56 3.39
C PHE B 269 1.44 28.65 3.59
N GLU B 270 1.87 28.99 4.80
CA GLU B 270 3.30 28.99 5.14
C GLU B 270 3.28 28.03 6.34
N LEU B 271 3.67 26.79 6.09
CA LEU B 271 3.68 25.71 7.09
C LEU B 271 4.69 25.88 8.24
N ARG B 272 4.70 24.90 9.14
CA ARG B 272 5.63 24.89 10.28
C ARG B 272 7.08 25.06 9.88
N ASP B 273 7.92 25.52 10.81
CA ASP B 273 7.58 25.89 12.17
C ASP B 273 7.57 27.43 12.23
N THR B 274 8.00 28.00 13.35
CA THR B 274 8.02 29.44 13.52
C THR B 274 9.43 29.99 13.55
N GLY B 275 10.42 29.11 13.44
CA GLY B 275 11.80 29.57 13.46
C GLY B 275 12.83 28.64 14.09
N ARG B 276 12.42 27.79 15.03
CA ARG B 276 13.34 26.87 15.71
C ARG B 276 14.18 26.07 14.70
N TYR B 277 13.52 25.46 13.71
CA TYR B 277 14.19 24.68 12.67
C TYR B 277 14.14 25.36 11.34
N GLY B 278 13.08 26.15 11.12
CA GLY B 278 12.93 26.86 9.85
C GLY B 278 12.75 25.89 8.70
N PHE B 279 13.40 26.17 7.58
CA PHE B 279 13.31 25.35 6.38
C PHE B 279 13.88 23.94 6.57
N LEU B 280 14.71 23.77 7.59
CA LEU B 280 15.34 22.48 7.89
C LEU B 280 14.52 21.69 8.91
N LEU B 281 13.20 21.67 8.74
CA LEU B 281 12.30 20.95 9.65
C LEU B 281 12.57 19.44 9.65
N PRO B 282 12.73 18.83 10.84
CA PRO B 282 12.99 17.39 10.99
C PRO B 282 11.93 16.52 10.31
N ALA B 283 12.38 15.38 9.77
CA ALA B 283 11.53 14.41 9.07
C ALA B 283 10.49 13.83 10.02
N SER B 284 10.78 13.88 11.31
CA SER B 284 9.87 13.37 12.34
C SER B 284 8.52 14.12 12.38
N GLN B 285 8.49 15.33 11.86
CA GLN B 285 7.25 16.11 11.86
C GLN B 285 6.49 16.12 10.54
N ILE B 286 7.03 15.44 9.52
CA ILE B 286 6.38 15.38 8.21
C ILE B 286 4.91 14.97 8.32
N ILE B 287 4.67 13.86 9.01
CA ILE B 287 3.32 13.35 9.15
C ILE B 287 2.31 14.24 9.91
N PRO B 288 2.66 14.72 11.13
CA PRO B 288 1.71 15.57 11.84
C PRO B 288 1.45 16.88 11.10
N THR B 289 2.48 17.36 10.40
CA THR B 289 2.35 18.60 9.62
C THR B 289 1.34 18.36 8.49
N ALA B 290 1.51 17.24 7.78
CA ALA B 290 0.63 16.89 6.67
C ALA B 290 -0.80 16.64 7.16
N GLN B 291 -0.93 15.93 8.27
CA GLN B 291 -2.24 15.64 8.81
C GLN B 291 -3.00 16.89 9.23
N GLU B 292 -2.35 17.81 9.95
CA GLU B 292 -3.07 19.01 10.35
C GLU B 292 -3.32 19.92 9.14
N THR B 293 -2.36 20.05 8.22
CA THR B 293 -2.53 20.91 7.02
C THR B 293 -3.70 20.44 6.20
N TRP B 294 -3.78 19.13 5.97
CA TRP B 294 -4.88 18.60 5.20
C TRP B 294 -6.19 19.06 5.80
N LEU B 295 -6.29 19.05 7.13
CA LEU B 295 -7.51 19.49 7.81
C LEU B 295 -7.89 20.93 7.41
N GLY B 296 -6.89 21.79 7.23
CA GLY B 296 -7.15 23.16 6.83
C GLY B 296 -7.50 23.23 5.36
N VAL B 297 -6.82 22.44 4.55
CA VAL B 297 -7.07 22.39 3.11
C VAL B 297 -8.52 21.91 2.83
N LEU B 298 -8.94 20.83 3.50
CA LEU B 298 -10.28 20.28 3.35
C LEU B 298 -11.34 21.33 3.64
N THR B 299 -11.13 22.06 4.73
CA THR B 299 -12.05 23.12 5.13
C THR B 299 -12.23 24.16 4.03
N ILE B 300 -11.14 24.47 3.32
CA ILE B 300 -11.21 25.42 2.22
C ILE B 300 -11.97 24.81 1.04
N MET B 301 -11.65 23.56 0.70
CA MET B 301 -12.28 22.88 -0.43
C MET B 301 -13.79 22.79 -0.26
N GLU B 302 -14.24 22.50 0.95
CA GLU B 302 -15.67 22.40 1.22
C GLU B 302 -16.38 23.69 0.93
N HIS B 303 -15.80 24.79 1.39
CA HIS B 303 -16.42 26.09 1.15
C HIS B 303 -16.50 26.32 -0.36
N THR B 304 -15.49 25.84 -1.07
CA THR B 304 -15.40 25.97 -2.51
C THR B 304 -16.54 25.28 -3.22
N VAL B 305 -16.67 23.97 -3.02
CA VAL B 305 -17.73 23.20 -3.69
C VAL B 305 -19.08 23.82 -3.44
N ASN B 306 -19.19 24.54 -2.32
CA ASN B 306 -20.46 25.16 -1.95
C ASN B 306 -20.72 26.58 -2.45
N ASN B 307 -19.67 27.30 -2.82
CA ASN B 307 -19.85 28.68 -3.30
C ASN B 307 -19.23 28.90 -4.69
N ALA C 1 -6.15 -26.60 -18.58
CA ALA C 1 -5.62 -26.21 -19.92
C ALA C 1 -4.77 -27.37 -20.41
N ARG C 2 -4.13 -27.21 -21.57
CA ARG C 2 -3.26 -28.26 -22.11
C ARG C 2 -1.82 -28.03 -21.60
N SER C 3 -1.65 -27.02 -20.76
CA SER C 3 -0.34 -26.66 -20.23
C SER C 3 -0.50 -25.91 -18.90
N THR C 4 0.53 -25.95 -18.07
CA THR C 4 0.51 -25.23 -16.80
C THR C 4 0.72 -23.75 -17.15
N ASN C 5 1.34 -23.49 -18.30
CA ASN C 5 1.55 -22.11 -18.73
C ASN C 5 0.29 -21.46 -19.26
N THR C 6 -0.69 -22.27 -19.66
CA THR C 6 -1.96 -21.73 -20.15
C THR C 6 -3.01 -21.67 -19.03
N PHE C 7 -2.77 -22.41 -17.96
CA PHE C 7 -3.66 -22.44 -16.82
C PHE C 7 -3.82 -21.02 -16.24
N ASN C 8 -5.04 -20.61 -15.96
CA ASN C 8 -5.30 -19.28 -15.38
C ASN C 8 -5.19 -19.31 -13.87
N TYR C 9 -4.03 -18.95 -13.35
CA TYR C 9 -3.82 -18.96 -11.90
C TYR C 9 -4.59 -17.86 -11.17
N ALA C 10 -5.10 -16.88 -11.92
CA ALA C 10 -5.82 -15.75 -11.35
C ALA C 10 -7.33 -15.93 -11.13
N THR C 11 -7.79 -17.18 -11.19
CA THR C 11 -9.20 -17.46 -10.97
C THR C 11 -9.34 -18.75 -10.18
N TYR C 12 -10.49 -18.93 -9.54
CA TYR C 12 -10.74 -20.13 -8.75
C TYR C 12 -11.13 -21.27 -9.66
N HIS C 13 -10.69 -22.47 -9.31
CA HIS C 13 -10.95 -23.67 -10.09
C HIS C 13 -11.65 -24.75 -9.30
N THR C 14 -12.19 -25.73 -10.03
CA THR C 14 -12.89 -26.86 -9.42
C THR C 14 -11.83 -27.88 -9.04
N LEU C 15 -12.26 -28.89 -8.30
CA LEU C 15 -11.42 -29.97 -7.85
C LEU C 15 -10.84 -30.72 -9.04
N ASP C 16 -11.67 -31.02 -10.05
CA ASP C 16 -11.18 -31.73 -11.22
C ASP C 16 -10.08 -30.97 -11.92
N GLU C 17 -10.26 -29.66 -12.04
CA GLU C 17 -9.26 -28.82 -12.68
C GLU C 17 -7.95 -28.80 -11.89
N ILE C 18 -8.05 -28.86 -10.57
CA ILE C 18 -6.86 -28.86 -9.72
C ILE C 18 -6.11 -30.16 -9.87
N TYR C 19 -6.84 -31.28 -9.91
CA TYR C 19 -6.19 -32.58 -10.06
C TYR C 19 -5.58 -32.70 -11.46
N ASP C 20 -6.25 -32.12 -12.46
CA ASP C 20 -5.74 -32.13 -13.85
C ASP C 20 -4.38 -31.47 -13.82
N PHE C 21 -4.35 -30.28 -13.23
CA PHE C 21 -3.14 -29.46 -13.06
C PHE C 21 -1.98 -30.27 -12.48
N MET C 22 -2.25 -31.07 -11.45
CA MET C 22 -1.19 -31.86 -10.82
C MET C 22 -0.54 -32.77 -11.83
N ASP C 23 -1.37 -33.45 -12.61
CA ASP C 23 -0.85 -34.36 -13.63
C ASP C 23 -0.03 -33.66 -14.70
N LEU C 24 -0.46 -32.46 -15.10
CA LEU C 24 0.28 -31.72 -16.11
C LEU C 24 1.64 -31.32 -15.53
N LEU C 25 1.64 -30.82 -14.31
CA LEU C 25 2.89 -30.38 -13.68
C LEU C 25 3.90 -31.53 -13.54
N VAL C 26 3.41 -32.71 -13.17
CA VAL C 26 4.27 -33.88 -13.04
C VAL C 26 4.81 -34.27 -14.41
N ALA C 27 3.94 -34.27 -15.42
CA ALA C 27 4.37 -34.61 -16.77
C ALA C 27 5.38 -33.59 -17.33
N GLN C 28 5.23 -32.32 -16.99
CA GLN C 28 6.16 -31.31 -17.48
C GLN C 28 7.51 -31.28 -16.76
N HIS C 29 7.49 -31.59 -15.47
CA HIS C 29 8.71 -31.57 -14.67
C HIS C 29 8.94 -32.89 -13.92
N PRO C 30 9.00 -34.01 -14.66
CA PRO C 30 9.20 -35.34 -14.07
C PRO C 30 10.50 -35.51 -13.29
N GLU C 31 11.51 -34.70 -13.61
CA GLU C 31 12.77 -34.81 -12.88
C GLU C 31 12.76 -34.05 -11.55
N LEU C 32 11.64 -33.40 -11.23
CA LEU C 32 11.54 -32.61 -10.01
C LEU C 32 10.32 -32.95 -9.13
N VAL C 33 9.19 -33.25 -9.77
CA VAL C 33 7.97 -33.49 -9.03
C VAL C 33 7.23 -34.78 -9.36
N SER C 34 6.69 -35.40 -8.32
CA SER C 34 5.93 -36.64 -8.43
C SER C 34 4.65 -36.53 -7.60
N LYS C 35 3.65 -37.33 -7.91
CA LYS C 35 2.39 -37.31 -7.17
C LYS C 35 2.25 -38.58 -6.36
N LEU C 36 1.96 -38.40 -5.08
CA LEU C 36 1.79 -39.50 -4.16
C LEU C 36 0.34 -39.53 -3.65
N GLN C 37 -0.29 -40.69 -3.70
CA GLN C 37 -1.63 -40.81 -3.15
C GLN C 37 -1.37 -41.25 -1.72
N ILE C 38 -1.85 -40.49 -0.73
CA ILE C 38 -1.60 -40.85 0.66
C ILE C 38 -2.82 -41.45 1.36
N GLY C 39 -3.94 -41.51 0.64
CA GLY C 39 -5.16 -42.06 1.21
C GLY C 39 -6.37 -41.78 0.34
N ARG C 40 -7.53 -42.13 0.86
CA ARG C 40 -8.81 -41.92 0.16
C ARG C 40 -9.71 -41.18 1.14
N SER C 41 -10.37 -40.14 0.65
CA SER C 41 -11.26 -39.35 1.48
C SER C 41 -12.47 -40.20 1.90
N TYR C 42 -13.28 -39.66 2.81
CA TYR C 42 -14.45 -40.36 3.29
C TYR C 42 -15.33 -40.83 2.12
N GLU C 43 -15.49 -39.97 1.11
CA GLU C 43 -16.29 -40.31 -0.04
C GLU C 43 -15.50 -40.91 -1.20
N GLY C 44 -14.34 -41.48 -0.87
CA GLY C 44 -13.51 -42.15 -1.85
C GLY C 44 -12.72 -41.34 -2.87
N ARG C 45 -12.49 -40.06 -2.60
CA ARG C 45 -11.71 -39.24 -3.51
C ARG C 45 -10.24 -39.44 -3.14
N PRO C 46 -9.37 -39.74 -4.11
CA PRO C 46 -7.96 -39.92 -3.78
C PRO C 46 -7.36 -38.63 -3.21
N ILE C 47 -6.54 -38.78 -2.17
CA ILE C 47 -5.89 -37.63 -1.53
C ILE C 47 -4.47 -37.58 -2.09
N TYR C 48 -4.07 -36.45 -2.64
CA TYR C 48 -2.75 -36.36 -3.25
C TYR C 48 -1.81 -35.33 -2.68
N VAL C 49 -0.55 -35.75 -2.60
CA VAL C 49 0.52 -34.89 -2.14
C VAL C 49 1.54 -34.83 -3.27
N LEU C 50 1.97 -33.63 -3.63
CA LEU C 50 3.00 -33.51 -4.64
C LEU C 50 4.33 -33.51 -3.89
N LYS C 51 5.30 -34.25 -4.41
CA LYS C 51 6.61 -34.29 -3.80
C LYS C 51 7.63 -33.65 -4.74
N PHE C 52 8.29 -32.60 -4.26
CA PHE C 52 9.32 -31.88 -5.00
C PHE C 52 10.63 -32.34 -4.35
N SER C 53 11.57 -32.82 -5.17
CA SER C 53 12.82 -33.33 -4.61
C SER C 53 13.91 -33.38 -5.69
N THR C 54 15.15 -33.13 -5.28
CA THR C 54 16.29 -33.18 -6.19
C THR C 54 17.03 -34.51 -6.02
N GLY C 55 16.33 -35.52 -5.55
CA GLY C 55 16.95 -36.81 -5.35
C GLY C 55 17.26 -37.04 -3.90
N GLY C 56 18.41 -37.64 -3.62
CA GLY C 56 18.79 -37.93 -2.25
C GLY C 56 17.96 -39.10 -1.75
N SER C 57 17.75 -39.20 -0.44
CA SER C 57 16.94 -40.30 0.09
C SER C 57 15.87 -39.84 1.09
N ASN C 58 15.98 -40.24 2.36
CA ASN C 58 15.00 -39.81 3.37
C ASN C 58 15.41 -38.40 3.81
N ARG C 59 15.54 -37.51 2.83
CA ARG C 59 15.93 -36.13 3.07
C ARG C 59 15.04 -35.35 4.02
N PRO C 60 15.61 -34.36 4.72
CA PRO C 60 14.85 -33.53 5.66
C PRO C 60 13.74 -32.92 4.82
N ALA C 61 12.54 -32.93 5.37
CA ALA C 61 11.41 -32.46 4.59
C ALA C 61 10.63 -31.35 5.24
N ILE C 62 9.89 -30.64 4.40
CA ILE C 62 9.02 -29.58 4.83
C ILE C 62 7.64 -30.01 4.35
N TRP C 63 6.67 -29.89 5.24
CA TRP C 63 5.29 -30.25 4.95
C TRP C 63 4.43 -28.99 4.82
N ILE C 64 3.66 -28.87 3.75
CA ILE C 64 2.74 -27.76 3.59
C ILE C 64 1.38 -28.29 3.16
N ASP C 65 0.33 -27.89 3.86
CA ASP C 65 -1.01 -28.31 3.49
C ASP C 65 -1.88 -27.09 3.35
N LEU C 66 -2.89 -27.21 2.50
CA LEU C 66 -3.81 -26.13 2.21
C LEU C 66 -5.22 -26.70 2.15
N GLY C 67 -6.19 -25.79 2.23
CA GLY C 67 -7.59 -26.16 2.14
C GLY C 67 -8.15 -27.18 3.10
N ILE C 68 -7.60 -27.31 4.30
CA ILE C 68 -8.13 -28.29 5.24
C ILE C 68 -9.59 -27.92 5.57
N HIS C 69 -9.84 -26.61 5.68
CA HIS C 69 -11.19 -26.08 5.91
C HIS C 69 -11.60 -25.69 4.48
N SER C 70 -12.55 -26.44 3.92
CA SER C 70 -12.97 -26.26 2.52
C SER C 70 -13.30 -24.88 1.98
N ARG C 71 -14.13 -24.14 2.70
CA ARG C 71 -14.55 -22.80 2.29
C ARG C 71 -13.41 -21.77 2.14
N GLU C 72 -12.20 -22.14 2.56
CA GLU C 72 -11.07 -21.21 2.49
C GLU C 72 -10.39 -21.27 1.13
N TRP C 73 -11.14 -20.84 0.12
CA TRP C 73 -10.71 -20.87 -1.28
C TRP C 73 -9.39 -20.23 -1.63
N ILE C 74 -9.01 -19.18 -0.93
CA ILE C 74 -7.74 -18.54 -1.24
C ILE C 74 -6.56 -19.50 -1.01
N THR C 75 -6.73 -20.48 -0.12
CA THR C 75 -5.65 -21.42 0.16
C THR C 75 -5.37 -22.45 -0.94
N GLN C 76 -6.40 -23.06 -1.52
CA GLN C 76 -6.14 -24.02 -2.61
C GLN C 76 -5.59 -23.29 -3.85
N ALA C 77 -6.05 -22.04 -4.08
CA ALA C 77 -5.60 -21.22 -5.22
C ALA C 77 -4.13 -20.81 -5.02
N THR C 78 -3.81 -20.35 -3.83
CA THR C 78 -2.44 -19.98 -3.51
C THR C 78 -1.56 -21.24 -3.64
N GLY C 79 -2.17 -22.41 -3.40
CA GLY C 79 -1.47 -23.68 -3.47
C GLY C 79 -1.05 -24.13 -4.86
N VAL C 80 -1.91 -23.94 -5.86
CA VAL C 80 -1.60 -24.29 -7.24
C VAL C 80 -0.46 -23.38 -7.69
N TRP C 81 -0.56 -22.11 -7.30
CA TRP C 81 0.45 -21.10 -7.64
C TRP C 81 1.80 -21.57 -7.10
N PHE C 82 1.85 -21.92 -5.81
CA PHE C 82 3.08 -22.40 -5.19
C PHE C 82 3.72 -23.55 -5.99
N ALA C 83 2.89 -24.52 -6.35
CA ALA C 83 3.37 -25.66 -7.10
C ALA C 83 4.10 -25.21 -8.37
N LYS C 84 3.52 -24.25 -9.09
CA LYS C 84 4.11 -23.72 -10.32
C LYS C 84 5.37 -22.88 -10.06
N LYS C 85 5.32 -22.10 -8.98
CA LYS C 85 6.44 -21.26 -8.56
C LYS C 85 7.67 -22.11 -8.19
N PHE C 86 7.45 -23.28 -7.58
CA PHE C 86 8.55 -24.18 -7.21
C PHE C 86 9.30 -24.67 -8.45
N THR C 87 8.53 -24.94 -9.51
CA THR C 87 9.10 -25.42 -10.77
C THR C 87 9.72 -24.30 -11.62
N GLU C 88 9.28 -23.06 -11.42
CA GLU C 88 9.83 -21.91 -12.16
C GLU C 88 11.14 -21.43 -11.54
N ASN C 89 11.16 -21.38 -10.21
CA ASN C 89 12.31 -20.89 -9.48
C ASN C 89 13.48 -21.82 -9.18
N TYR C 90 13.27 -23.13 -9.21
CA TYR C 90 14.39 -24.02 -8.95
C TYR C 90 15.39 -23.85 -10.10
N GLY C 91 16.67 -23.84 -9.76
CA GLY C 91 17.70 -23.64 -10.77
C GLY C 91 17.96 -22.17 -11.02
N GLN C 92 16.97 -21.32 -10.75
CA GLN C 92 17.13 -19.89 -10.97
C GLN C 92 17.42 -19.14 -9.67
N ASN C 93 16.46 -19.10 -8.76
CA ASN C 93 16.65 -18.39 -7.50
C ASN C 93 17.59 -19.15 -6.58
N PRO C 94 18.77 -18.58 -6.28
CA PRO C 94 19.79 -19.19 -5.41
C PRO C 94 19.31 -19.69 -4.05
N SER C 95 18.50 -18.89 -3.38
CA SER C 95 18.01 -19.25 -2.06
C SER C 95 17.09 -20.47 -2.13
N PHE C 96 16.04 -20.36 -2.93
CA PHE C 96 15.10 -21.46 -3.08
C PHE C 96 15.84 -22.70 -3.59
N THR C 97 16.83 -22.49 -4.44
CA THR C 97 17.58 -23.63 -4.98
C THR C 97 18.40 -24.31 -3.88
N ALA C 98 18.94 -23.53 -2.95
CA ALA C 98 19.70 -24.10 -1.84
C ALA C 98 18.79 -25.00 -1.01
N ILE C 99 17.57 -24.53 -0.79
CA ILE C 99 16.59 -25.30 -0.02
C ILE C 99 16.28 -26.62 -0.74
N LEU C 100 15.98 -26.56 -2.03
CA LEU C 100 15.67 -27.77 -2.77
C LEU C 100 16.87 -28.67 -3.03
N ASP C 101 18.08 -28.18 -2.74
CA ASP C 101 19.27 -29.00 -2.90
C ASP C 101 19.46 -29.84 -1.66
N SER C 102 18.94 -29.35 -0.55
CA SER C 102 19.06 -30.00 0.74
C SER C 102 17.84 -30.78 1.22
N MET C 103 16.65 -30.24 0.95
CA MET C 103 15.43 -30.84 1.45
C MET C 103 14.36 -31.16 0.43
N ASP C 104 13.35 -31.89 0.87
CA ASP C 104 12.21 -32.26 0.05
C ASP C 104 11.05 -31.43 0.59
N ILE C 105 10.12 -31.06 -0.28
CA ILE C 105 8.94 -30.32 0.12
C ILE C 105 7.72 -31.12 -0.29
N PHE C 106 6.78 -31.25 0.62
CA PHE C 106 5.54 -31.97 0.35
C PHE C 106 4.47 -30.91 0.39
N LEU C 107 3.62 -30.91 -0.64
CA LEU C 107 2.56 -29.92 -0.79
C LEU C 107 1.22 -30.61 -0.96
N GLU C 108 0.30 -30.35 -0.03
CA GLU C 108 -1.03 -30.94 -0.12
C GLU C 108 -1.99 -29.81 -0.39
N ILE C 109 -2.35 -29.66 -1.65
CA ILE C 109 -3.21 -28.57 -2.10
C ILE C 109 -4.67 -28.69 -1.65
N VAL C 110 -5.22 -29.89 -1.71
CA VAL C 110 -6.62 -30.14 -1.33
C VAL C 110 -6.65 -31.17 -0.21
N THR C 111 -6.48 -30.69 1.01
CA THR C 111 -6.43 -31.55 2.18
C THR C 111 -7.78 -32.17 2.60
N ASN C 112 -8.87 -31.55 2.18
CA ASN C 112 -10.21 -32.03 2.53
C ASN C 112 -10.97 -32.04 1.21
N PRO C 113 -10.76 -33.07 0.37
CA PRO C 113 -11.41 -33.21 -0.93
C PRO C 113 -12.95 -33.09 -0.93
N ASN C 114 -13.60 -33.82 -0.03
CA ASN C 114 -15.07 -33.84 0.05
C ASN C 114 -15.71 -32.50 0.40
N GLY C 115 -14.98 -31.68 1.15
CA GLY C 115 -15.50 -30.37 1.49
C GLY C 115 -15.40 -29.48 0.26
N PHE C 116 -14.24 -29.46 -0.39
CA PHE C 116 -14.03 -28.63 -1.57
C PHE C 116 -15.09 -28.85 -2.65
N ALA C 117 -15.38 -30.12 -2.96
CA ALA C 117 -16.42 -30.43 -3.96
C ALA C 117 -17.78 -29.83 -3.56
N PHE C 118 -18.12 -29.99 -2.30
CA PHE C 118 -19.35 -29.51 -1.70
C PHE C 118 -19.44 -27.99 -1.81
N THR C 119 -18.31 -27.29 -1.76
CA THR C 119 -18.35 -25.82 -1.82
C THR C 119 -18.67 -25.35 -3.22
N HIS C 120 -18.41 -26.21 -4.20
CA HIS C 120 -18.68 -25.86 -5.59
C HIS C 120 -20.06 -26.27 -6.11
N SER C 121 -20.62 -27.32 -5.53
CA SER C 121 -21.91 -27.80 -5.98
C SER C 121 -23.05 -27.60 -5.01
N GLU C 122 -22.75 -27.37 -3.73
CA GLU C 122 -23.80 -27.21 -2.74
C GLU C 122 -23.75 -25.94 -1.90
N ASN C 123 -22.87 -25.93 -0.90
CA ASN C 123 -22.76 -24.81 0.01
C ASN C 123 -21.34 -24.24 -0.01
N ARG C 124 -21.21 -23.04 -0.56
CA ARG C 124 -19.94 -22.32 -0.71
C ARG C 124 -19.22 -22.06 0.61
N LEU C 125 -19.95 -22.09 1.71
CA LEU C 125 -19.35 -21.83 3.01
C LEU C 125 -19.20 -23.03 3.92
N TRP C 126 -19.23 -24.23 3.34
CA TRP C 126 -19.05 -25.46 4.12
C TRP C 126 -17.57 -25.51 4.47
N ARG C 127 -17.26 -26.02 5.65
CA ARG C 127 -15.88 -26.07 6.07
C ARG C 127 -15.34 -27.41 6.55
N LYS C 128 -16.20 -28.20 7.20
CA LYS C 128 -15.84 -29.49 7.76
C LYS C 128 -15.68 -30.62 6.74
N THR C 129 -15.39 -31.82 7.23
CA THR C 129 -15.30 -32.99 6.37
C THR C 129 -16.75 -33.40 6.12
N ARG C 130 -16.95 -34.45 5.32
CA ARG C 130 -18.31 -34.90 4.98
C ARG C 130 -18.67 -36.29 5.54
N SER C 131 -17.92 -36.73 6.55
CA SER C 131 -18.14 -38.03 7.16
C SER C 131 -19.46 -38.05 7.94
N VAL C 132 -20.20 -39.13 7.80
CA VAL C 132 -21.46 -39.28 8.50
C VAL C 132 -21.05 -40.13 9.71
N THR C 133 -21.54 -41.35 9.81
CA THR C 133 -21.16 -42.26 10.87
C THR C 133 -21.25 -41.61 12.26
N SER C 134 -22.46 -41.18 12.62
CA SER C 134 -22.64 -40.54 13.91
C SER C 134 -24.06 -40.73 14.37
N SER C 135 -24.32 -40.39 15.63
CA SER C 135 -25.65 -40.47 16.18
C SER C 135 -26.14 -39.02 16.08
N SER C 136 -26.08 -38.49 14.87
CA SER C 136 -26.48 -37.12 14.57
C SER C 136 -27.11 -37.07 13.18
N LEU C 137 -27.78 -35.96 12.90
CA LEU C 137 -28.42 -35.70 11.62
C LEU C 137 -27.50 -34.81 10.77
N CYS C 138 -26.50 -34.26 11.43
CA CYS C 138 -25.53 -33.39 10.79
C CYS C 138 -24.32 -34.18 10.30
N VAL C 139 -23.58 -33.61 9.34
CA VAL C 139 -22.41 -34.29 8.80
C VAL C 139 -21.12 -33.46 8.91
N GLY C 140 -20.00 -34.18 8.99
CA GLY C 140 -18.70 -33.55 9.03
C GLY C 140 -18.07 -33.19 10.35
N VAL C 141 -16.75 -33.16 10.32
CA VAL C 141 -15.91 -32.82 11.46
C VAL C 141 -14.93 -31.73 11.05
N ASP C 142 -14.65 -30.80 11.97
CA ASP C 142 -13.68 -29.72 11.74
C ASP C 142 -12.33 -30.45 11.75
N ALA C 143 -11.72 -30.63 10.58
CA ALA C 143 -10.47 -31.36 10.51
C ALA C 143 -9.26 -30.66 11.20
N ASN C 144 -9.44 -29.42 11.65
CA ASN C 144 -8.35 -28.75 12.36
C ASN C 144 -8.60 -28.76 13.87
N ARG C 145 -9.61 -29.51 14.30
CA ARG C 145 -9.89 -29.69 15.73
C ARG C 145 -9.85 -31.22 15.98
N ASN C 146 -9.45 -31.98 14.96
CA ASN C 146 -9.46 -33.46 15.01
C ASN C 146 -8.11 -34.10 15.35
N TRP C 147 -7.08 -33.27 15.50
CA TRP C 147 -5.76 -33.78 15.80
C TRP C 147 -5.54 -34.20 17.26
N ASP C 148 -4.54 -35.04 17.46
CA ASP C 148 -4.22 -35.60 18.76
C ASP C 148 -3.24 -34.74 19.59
N ALA C 149 -3.70 -33.54 19.95
CA ALA C 149 -2.95 -32.58 20.74
C ALA C 149 -3.99 -31.82 21.52
N GLY C 150 -4.09 -32.14 22.81
CA GLY C 150 -5.09 -31.50 23.65
C GLY C 150 -6.48 -31.85 23.14
N PHE C 151 -6.57 -32.97 22.42
CA PHE C 151 -7.83 -33.41 21.86
C PHE C 151 -8.94 -33.45 22.89
N GLY C 152 -10.08 -32.87 22.52
CA GLY C 152 -11.24 -32.86 23.38
C GLY C 152 -11.26 -31.74 24.41
N LYS C 153 -10.19 -30.94 24.45
CA LYS C 153 -10.13 -29.82 25.40
C LYS C 153 -10.89 -28.62 24.87
N ALA C 154 -10.98 -27.58 25.70
CA ALA C 154 -11.69 -26.36 25.33
C ALA C 154 -11.12 -25.75 24.06
N GLY C 155 -12.01 -25.29 23.20
CA GLY C 155 -11.59 -24.72 21.94
C GLY C 155 -12.16 -25.49 20.76
N ALA C 156 -12.92 -26.55 21.07
CA ALA C 156 -13.57 -27.38 20.04
C ALA C 156 -14.95 -27.76 20.56
N SER C 157 -15.94 -27.83 19.67
CA SER C 157 -17.31 -28.17 20.07
C SER C 157 -17.58 -29.66 20.14
N SER C 158 -18.40 -30.03 21.11
CA SER C 158 -18.78 -31.42 21.32
C SER C 158 -20.02 -31.80 20.52
N SER C 159 -20.78 -30.83 20.05
CA SER C 159 -21.97 -31.17 19.27
C SER C 159 -21.63 -31.35 17.77
N PRO C 160 -22.06 -32.48 17.18
CA PRO C 160 -21.86 -32.87 15.79
C PRO C 160 -22.28 -31.84 14.74
N CYS C 161 -23.31 -31.04 15.06
CA CYS C 161 -23.81 -30.03 14.14
C CYS C 161 -23.01 -28.74 14.06
N SER C 162 -22.06 -28.57 14.97
CA SER C 162 -21.24 -27.36 15.01
C SER C 162 -20.19 -27.28 13.92
N GLU C 163 -19.79 -26.06 13.58
CA GLU C 163 -18.76 -25.86 12.57
C GLU C 163 -17.39 -26.28 13.13
N THR C 164 -17.28 -26.29 14.47
CA THR C 164 -16.03 -26.66 15.10
C THR C 164 -16.09 -28.02 15.81
N TYR C 165 -16.99 -28.88 15.35
CA TYR C 165 -17.14 -30.21 15.92
C TYR C 165 -15.80 -30.98 15.83
N HIS C 166 -15.31 -31.48 16.96
CA HIS C 166 -14.03 -32.20 17.00
C HIS C 166 -13.98 -33.67 16.57
N GLY C 167 -15.14 -34.33 16.47
CA GLY C 167 -15.16 -35.73 16.09
C GLY C 167 -15.28 -36.65 17.29
N LYS C 168 -15.36 -37.97 17.04
CA LYS C 168 -15.51 -38.95 18.12
C LYS C 168 -14.21 -39.23 18.88
N TYR C 169 -13.09 -39.21 18.18
CA TYR C 169 -11.79 -39.43 18.81
C TYR C 169 -10.72 -38.81 17.93
N ALA C 170 -9.51 -38.67 18.49
CA ALA C 170 -8.39 -38.07 17.75
C ALA C 170 -8.10 -38.85 16.47
N ASN C 171 -7.84 -38.11 15.40
CA ASN C 171 -7.53 -38.70 14.11
C ASN C 171 -8.61 -39.57 13.51
N SER C 172 -9.84 -39.41 14.00
CA SER C 172 -10.95 -40.20 13.46
C SER C 172 -11.13 -39.98 11.95
N GLU C 173 -10.79 -38.80 11.46
CA GLU C 173 -11.00 -38.50 10.05
C GLU C 173 -9.84 -38.96 9.18
N VAL C 174 -10.16 -39.67 8.10
CA VAL C 174 -9.15 -40.19 7.18
C VAL C 174 -8.31 -39.08 6.52
N GLU C 175 -8.88 -37.89 6.39
CA GLU C 175 -8.17 -36.76 5.81
C GLU C 175 -7.04 -36.36 6.79
N VAL C 176 -7.27 -36.63 8.07
CA VAL C 176 -6.33 -36.33 9.14
C VAL C 176 -5.35 -37.49 9.31
N LYS C 177 -5.88 -38.70 9.53
CA LYS C 177 -5.06 -39.89 9.69
C LYS C 177 -4.05 -40.09 8.57
N SER C 178 -4.46 -39.82 7.33
CA SER C 178 -3.57 -39.97 6.17
C SER C 178 -2.32 -39.08 6.31
N ILE C 179 -2.48 -37.89 6.88
CA ILE C 179 -1.34 -37.00 7.09
C ILE C 179 -0.50 -37.52 8.24
N VAL C 180 -1.16 -37.84 9.34
CA VAL C 180 -0.51 -38.38 10.55
C VAL C 180 0.37 -39.59 10.28
N ASP C 181 -0.13 -40.55 9.52
CA ASP C 181 0.62 -41.77 9.20
C ASP C 181 1.76 -41.48 8.22
N PHE C 182 1.52 -40.59 7.26
CA PHE C 182 2.56 -40.28 6.29
C PHE C 182 3.75 -39.60 6.94
N VAL C 183 3.49 -38.52 7.66
CA VAL C 183 4.54 -37.76 8.30
C VAL C 183 5.28 -38.61 9.34
N LYS C 184 4.54 -39.43 10.09
CA LYS C 184 5.17 -40.27 11.10
C LYS C 184 6.02 -41.37 10.45
N ASN C 185 5.56 -41.90 9.32
CA ASN C 185 6.34 -42.93 8.62
C ASN C 185 7.61 -42.30 8.09
N HIS C 186 7.49 -41.08 7.56
CA HIS C 186 8.64 -40.38 7.02
C HIS C 186 9.68 -40.21 8.12
N GLY C 187 9.26 -39.67 9.25
CA GLY C 187 10.15 -39.50 10.38
C GLY C 187 11.19 -38.39 10.31
N ASN C 188 11.39 -37.78 9.15
CA ASN C 188 12.38 -36.71 9.05
C ASN C 188 11.83 -35.37 8.57
N PHE C 189 10.73 -34.93 9.19
CA PHE C 189 10.12 -33.65 8.88
C PHE C 189 10.72 -32.55 9.75
N LYS C 190 11.14 -31.46 9.13
CA LYS C 190 11.77 -30.33 9.82
C LYS C 190 10.82 -29.15 10.01
N ALA C 191 9.78 -29.07 9.18
CA ALA C 191 8.81 -27.98 9.28
C ALA C 191 7.45 -28.44 8.77
N PHE C 192 6.39 -27.98 9.42
CA PHE C 192 5.02 -28.35 9.09
C PHE C 192 4.25 -27.05 9.09
N LEU C 193 3.71 -26.69 7.92
CA LEU C 193 2.97 -25.45 7.75
C LEU C 193 1.58 -25.75 7.19
N SER C 194 0.54 -25.32 7.90
CA SER C 194 -0.85 -25.49 7.42
C SER C 194 -1.39 -24.11 7.09
N ILE C 195 -2.02 -23.97 5.93
CA ILE C 195 -2.51 -22.66 5.52
C ILE C 195 -4.04 -22.57 5.61
N HIS C 196 -4.55 -21.40 6.03
CA HIS C 196 -5.98 -21.15 6.20
C HIS C 196 -6.23 -19.68 5.87
N SER C 197 -7.48 -19.29 6.00
CA SER C 197 -7.88 -17.89 5.91
C SER C 197 -9.01 -17.77 6.89
N TYR C 198 -9.33 -16.56 7.35
CA TYR C 198 -8.65 -15.31 6.98
C TYR C 198 -8.33 -14.64 8.34
N SER C 199 -7.81 -13.41 8.33
CA SER C 199 -7.46 -12.62 9.51
C SER C 199 -6.02 -12.15 9.57
N GLN C 200 -5.23 -12.51 8.56
CA GLN C 200 -3.82 -12.12 8.45
C GLN C 200 -3.03 -12.33 9.72
N LEU C 201 -2.81 -13.60 10.04
CA LEU C 201 -2.06 -13.99 11.23
C LEU C 201 -1.03 -15.08 10.95
N LEU C 202 0.11 -14.99 11.63
CA LEU C 202 1.16 -16.00 11.52
C LEU C 202 1.19 -16.59 12.94
N LEU C 203 0.88 -17.87 13.07
CA LEU C 203 0.78 -18.54 14.36
C LEU C 203 1.72 -19.73 14.55
N TYR C 204 2.10 -19.93 15.81
CA TYR C 204 2.91 -21.08 16.23
C TYR C 204 2.25 -21.65 17.48
N PRO C 205 2.71 -22.83 17.96
CA PRO C 205 2.07 -23.42 19.15
C PRO C 205 2.27 -22.58 20.41
N TYR C 206 1.45 -22.77 21.42
CA TYR C 206 0.35 -23.73 21.45
C TYR C 206 -1.08 -23.11 21.38
N GLY C 207 -2.01 -23.94 20.95
CA GLY C 207 -3.37 -23.55 20.86
C GLY C 207 -4.22 -24.20 21.96
N TYR C 208 -3.85 -25.40 22.42
CA TYR C 208 -4.59 -26.12 23.45
C TYR C 208 -4.20 -25.88 24.91
N THR C 209 -3.11 -25.15 25.14
CA THR C 209 -2.64 -24.90 26.50
C THR C 209 -2.02 -23.51 26.56
N THR C 210 -1.95 -22.95 27.76
CA THR C 210 -1.35 -21.64 27.94
C THR C 210 0.17 -21.75 28.04
N GLN C 211 0.69 -22.97 28.07
CA GLN C 211 2.14 -23.17 28.17
C GLN C 211 2.88 -22.66 26.94
N SER C 212 3.92 -21.87 27.17
CA SER C 212 4.74 -21.38 26.06
C SER C 212 5.63 -22.54 25.65
N ILE C 213 5.86 -22.72 24.35
CA ILE C 213 6.74 -23.80 23.92
C ILE C 213 8.17 -23.41 24.30
N PRO C 214 9.04 -24.40 24.57
CA PRO C 214 10.42 -24.10 24.94
C PRO C 214 11.16 -23.32 23.84
N ASP C 215 10.75 -23.50 22.59
CA ASP C 215 11.37 -22.83 21.44
C ASP C 215 10.73 -21.47 21.13
N LYS C 216 9.92 -20.96 22.05
CA LYS C 216 9.21 -19.70 21.84
C LYS C 216 10.05 -18.58 21.25
N THR C 217 11.26 -18.38 21.79
CA THR C 217 12.12 -17.31 21.33
C THR C 217 12.51 -17.46 19.87
N GLU C 218 12.95 -18.65 19.48
CA GLU C 218 13.34 -18.87 18.10
C GLU C 218 12.14 -18.79 17.14
N LEU C 219 11.05 -19.45 17.50
CA LEU C 219 9.87 -19.45 16.63
C LEU C 219 9.25 -18.07 16.49
N ASN C 220 9.29 -17.29 17.57
CA ASN C 220 8.76 -15.94 17.55
C ASN C 220 9.63 -15.04 16.66
N GLN C 221 10.95 -15.25 16.72
CA GLN C 221 11.92 -14.49 15.94
C GLN C 221 11.79 -14.88 14.47
N VAL C 222 11.50 -16.15 14.19
CA VAL C 222 11.32 -16.56 12.81
C VAL C 222 10.05 -15.95 12.23
N ALA C 223 8.98 -15.94 13.04
CA ALA C 223 7.71 -15.36 12.61
C ALA C 223 7.88 -13.88 12.26
N LYS C 224 8.59 -13.14 13.11
CA LYS C 224 8.84 -11.72 12.86
C LYS C 224 9.45 -11.49 11.47
N SER C 225 10.50 -12.23 11.15
CA SER C 225 11.16 -12.07 9.87
C SER C 225 10.23 -12.48 8.72
N ALA C 226 9.41 -13.49 8.96
CA ALA C 226 8.49 -13.97 7.93
C ALA C 226 7.46 -12.89 7.64
N VAL C 227 6.93 -12.33 8.72
CA VAL C 227 5.95 -11.28 8.69
C VAL C 227 6.51 -10.02 8.02
N ALA C 228 7.77 -9.70 8.31
CA ALA C 228 8.40 -8.53 7.71
C ALA C 228 8.65 -8.84 6.24
N ALA C 229 8.99 -10.08 5.94
CA ALA C 229 9.25 -10.50 4.57
C ALA C 229 8.00 -10.29 3.73
N LEU C 230 6.90 -10.88 4.16
CA LEU C 230 5.62 -10.80 3.44
C LEU C 230 5.16 -9.35 3.17
N LYS C 231 5.14 -8.54 4.21
CA LYS C 231 4.71 -7.14 4.10
C LYS C 231 5.45 -6.34 3.02
N SER C 232 6.74 -6.61 2.84
CA SER C 232 7.56 -5.86 1.87
C SER C 232 7.01 -5.68 0.45
N LEU C 233 6.18 -6.60 -0.02
CA LEU C 233 5.64 -6.49 -1.36
C LEU C 233 4.54 -5.45 -1.55
N TYR C 234 3.45 -5.64 -0.81
CA TYR C 234 2.29 -4.78 -0.92
C TYR C 234 1.92 -4.07 0.36
N GLY C 235 2.70 -4.27 1.40
CA GLY C 235 2.44 -3.62 2.68
C GLY C 235 1.42 -4.33 3.56
N THR C 236 1.09 -5.57 3.23
CA THR C 236 0.12 -6.33 3.98
C THR C 236 0.66 -6.69 5.36
N SER C 237 -0.04 -6.20 6.39
CA SER C 237 0.33 -6.41 7.77
C SER C 237 -0.31 -7.63 8.40
N TYR C 238 0.52 -8.41 9.06
CA TYR C 238 0.15 -9.62 9.76
C TYR C 238 0.56 -9.46 11.20
N LYS C 239 -0.21 -10.06 12.11
CA LYS C 239 0.13 -10.07 13.52
C LYS C 239 0.59 -11.50 13.74
N TYR C 240 1.47 -11.74 14.69
CA TYR C 240 1.97 -13.08 14.95
C TYR C 240 2.07 -13.36 16.44
N GLY C 241 2.10 -14.63 16.79
CA GLY C 241 2.18 -15.01 18.19
C GLY C 241 1.69 -16.44 18.33
N SER C 242 1.52 -16.90 19.56
CA SER C 242 1.05 -18.27 19.74
C SER C 242 -0.45 -18.27 19.41
N ILE C 243 -0.99 -19.44 19.10
CA ILE C 243 -2.40 -19.53 18.76
C ILE C 243 -3.31 -19.04 19.90
N ILE C 244 -3.04 -19.51 21.12
CA ILE C 244 -3.86 -19.16 22.27
C ILE C 244 -3.75 -17.69 22.68
N THR C 245 -2.58 -17.09 22.48
CA THR C 245 -2.43 -15.70 22.84
C THR C 245 -2.94 -14.78 21.77
N THR C 246 -2.80 -15.18 20.53
CA THR C 246 -3.20 -14.25 19.51
C THR C 246 -4.44 -14.45 18.63
N ILE C 247 -5.09 -15.62 18.68
CA ILE C 247 -6.35 -15.84 17.93
C ILE C 247 -7.38 -16.19 18.98
N TYR C 248 -7.25 -17.40 19.51
CA TYR C 248 -8.14 -17.96 20.53
C TYR C 248 -7.68 -19.36 20.95
N GLN C 249 -8.22 -19.87 22.04
CA GLN C 249 -7.91 -21.23 22.47
C GLN C 249 -8.48 -22.13 21.38
N ALA C 250 -7.77 -23.21 21.07
CA ALA C 250 -8.17 -24.16 20.04
C ALA C 250 -7.47 -25.47 20.33
N SER C 251 -8.23 -26.56 20.40
CA SER C 251 -7.63 -27.85 20.70
C SER C 251 -7.76 -28.78 19.52
N GLY C 252 -6.83 -29.72 19.42
CA GLY C 252 -6.82 -30.66 18.32
C GLY C 252 -6.33 -30.04 17.03
N GLY C 253 -5.50 -28.99 17.13
CA GLY C 253 -4.96 -28.29 15.96
C GLY C 253 -3.75 -28.97 15.37
N SER C 254 -3.60 -28.91 14.05
CA SER C 254 -2.50 -29.61 13.37
C SER C 254 -1.06 -29.25 13.76
N ILE C 255 -0.82 -27.95 13.94
CA ILE C 255 0.49 -27.41 14.28
C ILE C 255 0.92 -27.81 15.71
N ASP C 256 -0.04 -27.93 16.64
CA ASP C 256 0.25 -28.34 18.00
C ASP C 256 0.69 -29.80 17.95
N TRP C 257 -0.03 -30.58 17.15
CA TRP C 257 0.32 -31.98 16.97
C TRP C 257 1.71 -32.10 16.33
N SER C 258 1.95 -31.34 15.26
CA SER C 258 3.24 -31.41 14.57
C SER C 258 4.39 -31.10 15.51
N TYR C 259 4.28 -29.98 16.21
CA TYR C 259 5.32 -29.59 17.17
C TYR C 259 5.54 -30.67 18.24
N ASN C 260 4.48 -31.27 18.77
CA ASN C 260 4.67 -32.32 19.77
C ASN C 260 5.33 -33.58 19.22
N GLN C 261 5.35 -33.70 17.89
CA GLN C 261 6.03 -34.80 17.20
C GLN C 261 7.52 -34.44 17.08
N GLY C 262 7.87 -33.21 17.43
CA GLY C 262 9.25 -32.78 17.33
C GLY C 262 9.59 -31.92 16.12
N ILE C 263 8.59 -31.64 15.29
CA ILE C 263 8.80 -30.81 14.10
C ILE C 263 8.80 -29.38 14.62
N LYS C 264 10.00 -28.89 14.88
CA LYS C 264 10.17 -27.57 15.46
C LYS C 264 9.45 -26.43 14.76
N TYR C 265 9.71 -26.26 13.47
CA TYR C 265 9.11 -25.16 12.72
C TYR C 265 7.69 -25.47 12.28
N SER C 266 6.77 -25.32 13.24
CA SER C 266 5.36 -25.57 13.02
C SER C 266 4.64 -24.24 13.09
N PHE C 267 4.06 -23.84 11.96
CA PHE C 267 3.33 -22.57 11.86
C PHE C 267 2.08 -22.77 11.05
N THR C 268 1.13 -21.85 11.24
CA THR C 268 -0.10 -21.82 10.45
C THR C 268 -0.26 -20.38 9.96
N PHE C 269 -0.62 -20.22 8.68
CA PHE C 269 -0.87 -18.90 8.12
C PHE C 269 -2.39 -18.72 7.92
N GLU C 270 -2.95 -17.62 8.43
CA GLU C 270 -4.34 -17.24 8.18
C GLU C 270 -4.17 -16.10 7.17
N LEU C 271 -4.50 -16.33 5.91
CA LEU C 271 -4.30 -15.31 4.88
C LEU C 271 -5.26 -14.10 4.86
N ARG C 272 -5.27 -13.38 3.74
CA ARG C 272 -6.07 -12.18 3.58
C ARG C 272 -7.54 -12.50 3.59
N ASP C 273 -8.43 -11.56 3.93
CA ASP C 273 -8.13 -10.21 4.33
C ASP C 273 -8.45 -10.18 5.88
N THR C 274 -8.97 -9.09 6.44
CA THR C 274 -9.32 -9.09 7.84
C THR C 274 -10.84 -8.94 8.05
N GLY C 275 -11.63 -9.29 7.04
CA GLY C 275 -13.05 -9.20 7.21
C GLY C 275 -13.91 -8.53 6.17
N ARG C 276 -13.31 -7.72 5.32
CA ARG C 276 -14.05 -7.01 4.28
C ARG C 276 -14.80 -8.04 3.41
N TYR C 277 -14.08 -9.08 2.97
CA TYR C 277 -14.66 -10.14 2.14
C TYR C 277 -14.58 -11.49 2.84
N GLY C 278 -13.59 -11.63 3.72
CA GLY C 278 -13.42 -12.88 4.45
C GLY C 278 -13.15 -14.05 3.52
N PHE C 279 -14.02 -15.05 3.55
CA PHE C 279 -13.86 -16.25 2.70
C PHE C 279 -14.10 -16.00 1.22
N LEU C 280 -14.87 -14.95 0.93
CA LEU C 280 -15.20 -14.63 -0.46
C LEU C 280 -14.22 -13.59 -1.02
N LEU C 281 -12.93 -13.87 -0.91
CA LEU C 281 -11.89 -12.97 -1.41
C LEU C 281 -11.99 -12.90 -2.94
N PRO C 282 -11.96 -11.69 -3.50
CA PRO C 282 -12.05 -11.53 -4.97
C PRO C 282 -10.90 -12.25 -5.66
N ALA C 283 -11.19 -12.79 -6.84
CA ALA C 283 -10.21 -13.50 -7.64
C ALA C 283 -9.02 -12.62 -7.97
N SER C 284 -9.25 -11.31 -8.05
CA SER C 284 -8.19 -10.34 -8.35
C SER C 284 -7.09 -10.31 -7.25
N GLN C 285 -7.38 -10.92 -6.10
CA GLN C 285 -6.39 -10.94 -5.04
C GLN C 285 -5.66 -12.27 -4.89
N ILE C 286 -5.96 -13.24 -5.76
CA ILE C 286 -5.32 -14.53 -5.69
C ILE C 286 -3.81 -14.45 -5.88
N ILE C 287 -3.39 -13.86 -6.99
CA ILE C 287 -1.96 -13.75 -7.25
C ILE C 287 -1.19 -12.90 -6.24
N PRO C 288 -1.67 -11.67 -5.93
CA PRO C 288 -0.99 -10.83 -4.95
C PRO C 288 -0.92 -11.50 -3.56
N THR C 289 -1.95 -12.24 -3.21
CA THR C 289 -1.95 -12.97 -1.94
C THR C 289 -0.85 -14.04 -2.00
N ALA C 290 -0.90 -14.88 -3.04
CA ALA C 290 0.07 -15.96 -3.21
C ALA C 290 1.49 -15.44 -3.26
N GLN C 291 1.70 -14.35 -3.98
CA GLN C 291 3.03 -13.75 -4.08
C GLN C 291 3.61 -13.39 -2.72
N GLU C 292 2.86 -12.60 -1.96
CA GLU C 292 3.33 -12.17 -0.65
C GLU C 292 3.53 -13.32 0.37
N THR C 293 2.67 -14.34 0.36
CA THR C 293 2.85 -15.46 1.30
C THR C 293 4.08 -16.22 0.94
N TRP C 294 4.39 -16.22 -0.35
CA TRP C 294 5.57 -16.91 -0.83
C TRP C 294 6.80 -16.41 -0.07
N LEU C 295 6.96 -15.10 0.06
CA LEU C 295 8.11 -14.52 0.78
C LEU C 295 8.14 -14.98 2.24
N GLY C 296 6.98 -15.00 2.89
CA GLY C 296 6.91 -15.44 4.29
C GLY C 296 7.28 -16.90 4.43
N VAL C 297 6.74 -17.75 3.55
CA VAL C 297 7.00 -19.18 3.58
C VAL C 297 8.48 -19.46 3.27
N LEU C 298 9.03 -18.78 2.27
CA LEU C 298 10.44 -18.94 1.92
C LEU C 298 11.30 -18.59 3.13
N THR C 299 10.94 -17.52 3.84
CA THR C 299 11.67 -17.08 5.02
C THR C 299 11.75 -18.17 6.07
N ILE C 300 10.63 -18.83 6.35
CA ILE C 300 10.65 -19.91 7.33
C ILE C 300 11.47 -21.09 6.80
N MET C 301 11.41 -21.34 5.51
CA MET C 301 12.19 -22.43 4.92
C MET C 301 13.69 -22.16 5.01
N GLU C 302 14.11 -20.96 4.62
CA GLU C 302 15.52 -20.58 4.66
C GLU C 302 16.07 -20.78 6.05
N HIS C 303 15.29 -20.39 7.06
CA HIS C 303 15.74 -20.56 8.45
C HIS C 303 15.88 -22.03 8.75
N THR C 304 14.89 -22.82 8.37
CA THR C 304 14.88 -24.26 8.56
C THR C 304 16.15 -24.92 8.03
N VAL C 305 16.56 -24.53 6.83
CA VAL C 305 17.75 -25.10 6.23
C VAL C 305 19.00 -24.45 6.81
N ASN C 306 18.84 -23.19 7.24
CA ASN C 306 19.94 -22.42 7.83
C ASN C 306 20.08 -22.79 9.29
N ASN C 307 19.09 -23.49 9.83
CA ASN C 307 19.08 -23.92 11.22
C ASN C 307 18.71 -25.40 11.33
N ALA D 1 -22.68 -28.46 24.76
CA ALA D 1 -24.09 -28.88 24.93
C ALA D 1 -24.58 -29.58 23.67
N ARG D 2 -25.36 -30.64 23.85
CA ARG D 2 -25.90 -31.39 22.73
C ARG D 2 -27.31 -30.91 22.41
N SER D 3 -28.01 -30.43 23.45
CA SER D 3 -29.37 -29.92 23.31
C SER D 3 -29.45 -28.69 24.20
N THR D 4 -30.44 -27.82 23.96
CA THR D 4 -30.56 -26.62 24.80
C THR D 4 -30.99 -27.03 26.21
N ASN D 5 -31.12 -28.34 26.42
CA ASN D 5 -31.49 -28.86 27.74
C ASN D 5 -30.29 -29.39 28.49
N THR D 6 -29.12 -29.28 27.87
CA THR D 6 -27.86 -29.64 28.52
C THR D 6 -26.97 -28.41 28.51
N PHE D 7 -27.52 -27.28 28.10
CA PHE D 7 -26.75 -26.06 28.06
C PHE D 7 -26.62 -25.52 29.48
N ASN D 8 -25.41 -25.09 29.85
CA ASN D 8 -25.18 -24.55 31.19
C ASN D 8 -25.53 -23.05 31.18
N TYR D 9 -26.68 -22.72 31.75
CA TYR D 9 -27.16 -21.34 31.81
C TYR D 9 -26.53 -20.56 32.95
N ALA D 10 -25.81 -21.25 33.82
CA ALA D 10 -25.19 -20.63 34.98
C ALA D 10 -23.68 -20.39 34.79
N THR D 11 -23.28 -20.20 33.55
CA THR D 11 -21.88 -19.94 33.25
C THR D 11 -21.81 -18.94 32.11
N TYR D 12 -20.63 -18.35 31.92
CA TYR D 12 -20.39 -17.37 30.86
C TYR D 12 -19.78 -18.11 29.68
N HIS D 13 -20.29 -17.83 28.49
CA HIS D 13 -19.85 -18.50 27.28
C HIS D 13 -19.07 -17.66 26.28
N THR D 14 -18.49 -18.37 25.32
CA THR D 14 -17.70 -17.79 24.25
C THR D 14 -18.62 -17.56 23.02
N LEU D 15 -18.06 -16.98 21.97
CA LEU D 15 -18.82 -16.71 20.76
C LEU D 15 -19.37 -18.00 20.14
N ASP D 16 -18.48 -18.97 19.88
CA ASP D 16 -18.90 -20.24 19.29
C ASP D 16 -20.00 -20.91 20.07
N GLU D 17 -19.83 -20.95 21.38
CA GLU D 17 -20.82 -21.58 22.24
C GLU D 17 -22.22 -20.97 22.05
N ILE D 18 -22.31 -19.64 22.07
CA ILE D 18 -23.62 -19.00 21.87
C ILE D 18 -24.14 -19.14 20.45
N TYR D 19 -23.26 -19.05 19.45
CA TYR D 19 -23.72 -19.20 18.06
C TYR D 19 -24.24 -20.63 17.83
N ASP D 20 -23.60 -21.60 18.47
CA ASP D 20 -24.02 -23.00 18.36
C ASP D 20 -25.29 -23.25 19.16
N PHE D 21 -25.45 -22.52 20.26
CA PHE D 21 -26.66 -22.62 21.08
C PHE D 21 -27.85 -22.19 20.24
N MET D 22 -27.69 -21.10 19.48
CA MET D 22 -28.76 -20.59 18.63
C MET D 22 -29.19 -21.68 17.67
N ASP D 23 -28.22 -22.44 17.16
CA ASP D 23 -28.53 -23.53 16.25
C ASP D 23 -29.32 -24.64 16.94
N LEU D 24 -28.91 -24.99 18.16
CA LEU D 24 -29.60 -26.01 18.95
C LEU D 24 -31.05 -25.60 19.18
N LEU D 25 -31.27 -24.32 19.46
CA LEU D 25 -32.60 -23.79 19.71
C LEU D 25 -33.50 -23.94 18.48
N VAL D 26 -33.02 -23.46 17.34
CA VAL D 26 -33.76 -23.55 16.09
C VAL D 26 -34.07 -25.01 15.69
N ALA D 27 -33.11 -25.90 15.91
CA ALA D 27 -33.31 -27.31 15.59
C ALA D 27 -34.42 -27.91 16.43
N GLN D 28 -34.52 -27.47 17.68
CA GLN D 28 -35.53 -28.01 18.58
C GLN D 28 -36.90 -27.36 18.51
N HIS D 29 -36.97 -26.11 18.09
CA HIS D 29 -38.24 -25.40 18.01
C HIS D 29 -38.35 -24.75 16.64
N PRO D 30 -38.30 -25.57 15.58
CA PRO D 30 -38.38 -25.17 14.17
C PRO D 30 -39.53 -24.28 13.74
N GLU D 31 -40.72 -24.43 14.32
CA GLU D 31 -41.83 -23.58 13.90
C GLU D 31 -41.91 -22.23 14.59
N LEU D 32 -41.26 -22.12 15.75
CA LEU D 32 -41.30 -20.91 16.56
C LEU D 32 -40.10 -19.96 16.40
N VAL D 33 -38.94 -20.53 16.12
CA VAL D 33 -37.73 -19.70 16.04
C VAL D 33 -36.87 -19.93 14.80
N SER D 34 -36.44 -18.83 14.20
CA SER D 34 -35.56 -18.85 13.02
C SER D 34 -34.34 -18.00 13.39
N LYS D 35 -33.19 -18.33 12.81
CA LYS D 35 -31.95 -17.59 13.04
C LYS D 35 -31.70 -16.83 11.74
N LEU D 36 -31.64 -15.52 11.82
CA LEU D 36 -31.41 -14.66 10.66
C LEU D 36 -30.03 -13.99 10.71
N GLN D 37 -29.48 -13.63 9.55
CA GLN D 37 -28.19 -12.97 9.51
C GLN D 37 -28.46 -11.58 8.95
N ILE D 38 -28.38 -10.57 9.82
CA ILE D 38 -28.65 -9.20 9.39
C ILE D 38 -27.41 -8.47 8.88
N GLY D 39 -26.25 -9.12 8.99
CA GLY D 39 -25.02 -8.52 8.51
C GLY D 39 -23.78 -9.26 8.95
N ARG D 40 -22.65 -8.58 8.78
CA ARG D 40 -21.34 -9.10 9.19
C ARG D 40 -20.61 -7.96 9.89
N SER D 41 -19.87 -8.32 10.92
CA SER D 41 -19.12 -7.34 11.68
C SER D 41 -17.97 -6.80 10.83
N TYR D 42 -17.22 -5.88 11.42
CA TYR D 42 -16.09 -5.28 10.74
C TYR D 42 -15.06 -6.36 10.43
N GLU D 43 -14.89 -7.30 11.36
CA GLU D 43 -13.94 -8.39 11.18
C GLU D 43 -14.52 -9.56 10.42
N GLY D 44 -15.70 -9.36 9.82
CA GLY D 44 -16.31 -10.39 9.00
C GLY D 44 -17.22 -11.44 9.60
N ARG D 45 -17.34 -11.47 10.92
CA ARG D 45 -18.20 -12.44 11.58
C ARG D 45 -19.68 -12.19 11.31
N PRO D 46 -20.51 -13.26 11.32
CA PRO D 46 -21.94 -13.07 11.07
C PRO D 46 -22.61 -12.37 12.25
N ILE D 47 -23.64 -11.60 11.95
CA ILE D 47 -24.41 -10.90 12.96
C ILE D 47 -25.80 -11.53 12.91
N TYR D 48 -26.12 -12.29 13.95
CA TYR D 48 -27.39 -13.02 14.01
C TYR D 48 -28.48 -12.39 14.86
N VAL D 49 -29.71 -12.72 14.50
CA VAL D 49 -30.88 -12.28 15.22
C VAL D 49 -31.81 -13.50 15.27
N LEU D 50 -32.45 -13.74 16.41
CA LEU D 50 -33.40 -14.85 16.54
C LEU D 50 -34.79 -14.27 16.46
N LYS D 51 -35.61 -14.79 15.54
CA LYS D 51 -36.98 -14.33 15.37
C LYS D 51 -37.90 -15.38 16.00
N PHE D 52 -38.73 -14.94 16.95
CA PHE D 52 -39.70 -15.80 17.62
C PHE D 52 -41.01 -15.34 17.02
N SER D 53 -41.78 -16.29 16.49
CA SER D 53 -43.00 -15.93 15.81
C SER D 53 -43.96 -17.11 15.67
N THR D 54 -45.25 -16.81 15.51
CA THR D 54 -46.23 -17.87 15.33
C THR D 54 -47.04 -17.71 14.04
N GLY D 55 -46.85 -16.60 13.34
CA GLY D 55 -47.59 -16.36 12.10
C GLY D 55 -47.56 -14.95 11.53
N GLY D 56 -48.36 -14.73 10.48
CA GLY D 56 -48.43 -13.42 9.83
C GLY D 56 -47.31 -13.24 8.81
N SER D 57 -47.32 -12.12 8.10
CA SER D 57 -46.26 -11.89 7.12
C SER D 57 -45.24 -10.87 7.63
N ASN D 58 -45.66 -10.04 8.59
CA ASN D 58 -44.80 -9.02 9.20
C ASN D 58 -45.54 -8.26 10.30
N ARG D 59 -45.99 -9.00 11.31
CA ARG D 59 -46.71 -8.43 12.44
C ARG D 59 -45.93 -7.31 13.15
N PRO D 60 -46.58 -6.54 14.03
CA PRO D 60 -45.83 -5.49 14.74
C PRO D 60 -44.86 -6.31 15.56
N ALA D 61 -43.71 -5.75 15.89
CA ALA D 61 -42.74 -6.56 16.62
C ALA D 61 -42.07 -5.87 17.78
N ILE D 62 -41.27 -6.66 18.49
CA ILE D 62 -40.48 -6.22 19.62
C ILE D 62 -39.01 -6.54 19.36
N TRP D 63 -38.17 -5.51 19.34
CA TRP D 63 -36.73 -5.69 19.14
C TRP D 63 -36.05 -5.73 20.52
N ILE D 64 -35.08 -6.63 20.68
CA ILE D 64 -34.34 -6.71 21.94
C ILE D 64 -32.87 -6.99 21.64
N ASP D 65 -32.00 -6.03 21.94
CA ASP D 65 -30.60 -6.28 21.69
C ASP D 65 -29.79 -6.26 22.98
N LEU D 66 -28.81 -7.16 23.04
CA LEU D 66 -27.95 -7.30 24.21
C LEU D 66 -26.50 -7.37 23.73
N GLY D 67 -25.61 -6.80 24.52
CA GLY D 67 -24.19 -6.87 24.19
C GLY D 67 -23.63 -5.88 23.20
N ILE D 68 -24.22 -4.69 23.09
CA ILE D 68 -23.66 -3.73 22.16
C ILE D 68 -22.29 -3.26 22.72
N HIS D 69 -22.13 -3.44 24.04
CA HIS D 69 -20.89 -3.15 24.77
C HIS D 69 -20.48 -4.56 25.22
N SER D 70 -19.45 -5.10 24.56
CA SER D 70 -19.00 -6.46 24.78
C SER D 70 -18.59 -6.90 26.17
N ARG D 71 -18.06 -6.00 26.99
CA ARG D 71 -17.63 -6.40 28.33
C ARG D 71 -18.77 -6.68 29.33
N GLU D 72 -19.98 -6.22 29.02
CA GLU D 72 -21.12 -6.42 29.93
C GLU D 72 -21.67 -7.83 29.72
N TRP D 73 -20.84 -8.80 30.08
CA TRP D 73 -21.15 -10.22 29.87
C TRP D 73 -22.48 -10.70 30.40
N ILE D 74 -22.98 -10.04 31.43
CA ILE D 74 -24.27 -10.44 31.98
C ILE D 74 -25.37 -10.27 30.92
N THR D 75 -25.20 -9.34 29.98
CA THR D 75 -26.20 -9.12 28.94
C THR D 75 -26.29 -10.30 27.96
N GLN D 76 -25.16 -10.76 27.43
CA GLN D 76 -25.20 -11.90 26.52
C GLN D 76 -25.76 -13.15 27.25
N ALA D 77 -25.36 -13.34 28.51
CA ALA D 77 -25.82 -14.47 29.32
C ALA D 77 -27.34 -14.39 29.56
N THR D 78 -27.84 -13.16 29.62
CA THR D 78 -29.24 -12.94 29.80
C THR D 78 -29.99 -13.20 28.49
N GLY D 79 -29.38 -12.81 27.37
CA GLY D 79 -30.00 -13.02 26.07
C GLY D 79 -30.22 -14.51 25.86
N VAL D 80 -29.18 -15.29 26.15
CA VAL D 80 -29.22 -16.75 26.04
C VAL D 80 -30.36 -17.32 26.89
N TRP D 81 -30.47 -16.85 28.14
CA TRP D 81 -31.52 -17.34 29.02
C TRP D 81 -32.92 -16.94 28.50
N PHE D 82 -33.05 -15.71 28.01
CA PHE D 82 -34.34 -15.25 27.47
C PHE D 82 -34.78 -16.18 26.34
N ALA D 83 -33.87 -16.40 25.39
CA ALA D 83 -34.14 -17.24 24.24
C ALA D 83 -34.70 -18.61 24.66
N LYS D 84 -34.08 -19.27 25.64
CA LYS D 84 -34.55 -20.57 26.13
C LYS D 84 -35.95 -20.38 26.75
N LYS D 85 -36.05 -19.40 27.64
CA LYS D 85 -37.29 -19.06 28.32
C LYS D 85 -38.49 -18.85 27.39
N PHE D 86 -38.28 -18.17 26.26
CA PHE D 86 -39.36 -17.92 25.31
C PHE D 86 -40.01 -19.22 24.84
N THR D 87 -39.17 -20.21 24.49
CA THR D 87 -39.68 -21.49 24.02
C THR D 87 -40.31 -22.27 25.17
N GLU D 88 -40.02 -21.87 26.41
CA GLU D 88 -40.60 -22.51 27.59
C GLU D 88 -42.03 -22.02 27.84
N ASN D 89 -42.13 -20.70 27.95
CA ASN D 89 -43.40 -20.02 28.22
C ASN D 89 -44.45 -20.00 27.13
N TYR D 90 -44.06 -20.10 25.87
CA TYR D 90 -45.06 -20.07 24.81
C TYR D 90 -45.91 -21.33 24.89
N GLY D 91 -47.10 -21.16 25.44
CA GLY D 91 -48.04 -22.25 25.62
C GLY D 91 -48.45 -22.28 27.08
N GLN D 92 -47.46 -22.18 27.96
CA GLN D 92 -47.68 -22.20 29.41
C GLN D 92 -48.14 -20.87 30.04
N ASN D 93 -47.33 -19.82 29.91
CA ASN D 93 -47.59 -18.50 30.48
C ASN D 93 -48.70 -17.81 29.69
N PRO D 94 -49.87 -17.54 30.31
CA PRO D 94 -50.96 -16.88 29.60
C PRO D 94 -50.55 -15.57 28.96
N SER D 95 -49.79 -14.78 29.72
CA SER D 95 -49.32 -13.48 29.25
C SER D 95 -48.38 -13.58 28.05
N PHE D 96 -47.36 -14.43 28.13
CA PHE D 96 -46.44 -14.52 27.01
C PHE D 96 -47.04 -15.09 25.74
N THR D 97 -47.76 -16.20 25.83
CA THR D 97 -48.33 -16.77 24.61
C THR D 97 -49.25 -15.75 23.94
N ALA D 98 -49.93 -14.95 24.75
CA ALA D 98 -50.82 -13.93 24.22
C ALA D 98 -49.98 -12.99 23.38
N ILE D 99 -48.80 -12.66 23.88
CA ILE D 99 -47.86 -11.77 23.20
C ILE D 99 -47.38 -12.27 21.83
N LEU D 100 -46.85 -13.49 21.74
CA LEU D 100 -46.39 -13.99 20.45
C LEU D 100 -47.51 -14.33 19.48
N ASP D 101 -48.73 -14.43 19.98
CA ASP D 101 -49.85 -14.72 19.11
C ASP D 101 -50.30 -13.49 18.33
N SER D 102 -49.76 -12.33 18.68
CA SER D 102 -50.10 -11.07 18.00
C SER D 102 -48.88 -10.23 17.65
N MET D 103 -47.70 -10.63 18.11
CA MET D 103 -46.47 -9.88 17.83
C MET D 103 -45.26 -10.81 17.75
N ASP D 104 -44.28 -10.41 16.93
CA ASP D 104 -43.05 -11.19 16.80
C ASP D 104 -42.02 -10.56 17.71
N ILE D 105 -40.98 -11.34 18.02
CA ILE D 105 -39.88 -10.86 18.86
C ILE D 105 -38.58 -11.17 18.13
N PHE D 106 -37.76 -10.16 17.95
CA PHE D 106 -36.45 -10.28 17.30
C PHE D 106 -35.42 -10.01 18.38
N LEU D 107 -34.62 -11.03 18.70
CA LEU D 107 -33.61 -10.94 19.76
C LEU D 107 -32.16 -11.12 19.26
N GLU D 108 -31.36 -10.07 19.38
CA GLU D 108 -29.97 -10.09 18.96
C GLU D 108 -29.14 -10.26 20.23
N ILE D 109 -28.66 -11.48 20.46
CA ILE D 109 -27.91 -11.81 21.69
C ILE D 109 -26.50 -11.24 21.80
N VAL D 110 -25.77 -11.21 20.70
CA VAL D 110 -24.40 -10.69 20.70
C VAL D 110 -24.33 -9.64 19.61
N THR D 111 -24.69 -8.42 20.01
CA THR D 111 -24.70 -7.30 19.10
C THR D 111 -23.32 -6.87 18.61
N ASN D 112 -22.30 -7.10 19.44
CA ASN D 112 -20.93 -6.72 19.11
C ASN D 112 -20.06 -7.97 19.23
N PRO D 113 -20.07 -8.83 18.20
CA PRO D 113 -19.29 -10.08 18.18
C PRO D 113 -17.76 -9.94 18.16
N ASN D 114 -17.25 -8.90 17.51
CA ASN D 114 -15.78 -8.68 17.41
C ASN D 114 -15.28 -8.30 18.79
N GLY D 115 -15.96 -7.33 19.39
CA GLY D 115 -15.60 -6.88 20.72
C GLY D 115 -15.76 -8.01 21.71
N PHE D 116 -16.79 -8.82 21.54
CA PHE D 116 -17.03 -9.94 22.44
C PHE D 116 -15.89 -10.96 22.32
N ALA D 117 -15.48 -11.26 21.09
CA ALA D 117 -14.37 -12.20 20.87
C ALA D 117 -13.07 -11.63 21.49
N PHE D 118 -12.93 -10.31 21.43
CA PHE D 118 -11.77 -9.63 21.97
C PHE D 118 -11.77 -9.67 23.50
N THR D 119 -12.94 -9.59 24.14
CA THR D 119 -12.98 -9.62 25.60
C THR D 119 -12.62 -11.00 26.08
N HIS D 120 -12.73 -11.98 25.18
CA HIS D 120 -12.39 -13.35 25.54
C HIS D 120 -10.89 -13.63 25.39
N SER D 121 -10.30 -13.13 24.32
CA SER D 121 -8.89 -13.39 24.03
C SER D 121 -7.89 -12.40 24.60
N GLU D 122 -8.12 -11.13 24.29
CA GLU D 122 -7.20 -10.06 24.63
C GLU D 122 -7.48 -9.10 25.77
N ASN D 123 -8.73 -8.68 25.90
CA ASN D 123 -9.06 -7.68 26.88
C ASN D 123 -10.50 -7.80 27.35
N ARG D 124 -10.68 -8.33 28.56
CA ARG D 124 -11.98 -8.54 29.20
C ARG D 124 -12.85 -7.30 29.27
N LEU D 125 -12.21 -6.16 29.52
CA LEU D 125 -12.90 -4.88 29.67
C LEU D 125 -13.18 -4.08 28.40
N TRP D 126 -12.91 -4.66 27.23
CA TRP D 126 -13.14 -3.95 25.97
C TRP D 126 -14.63 -3.59 25.77
N ARG D 127 -14.93 -2.32 25.55
CA ARG D 127 -16.32 -1.89 25.36
C ARG D 127 -16.74 -1.49 23.93
N LYS D 128 -15.76 -1.27 23.07
CA LYS D 128 -16.04 -0.83 21.71
C LYS D 128 -16.03 -1.92 20.65
N THR D 129 -16.26 -1.49 19.41
CA THR D 129 -16.22 -2.39 18.27
C THR D 129 -14.71 -2.59 18.01
N ARG D 130 -14.36 -3.10 16.84
CA ARG D 130 -12.94 -3.32 16.51
C ARG D 130 -12.54 -2.73 15.16
N SER D 131 -13.23 -1.66 14.75
CA SER D 131 -12.95 -1.01 13.48
C SER D 131 -11.67 -0.20 13.55
N VAL D 132 -10.98 -0.10 12.43
CA VAL D 132 -9.72 0.64 12.34
C VAL D 132 -9.73 1.33 10.98
N THR D 133 -8.54 1.62 10.46
CA THR D 133 -8.35 2.29 9.16
C THR D 133 -8.47 3.81 9.30
N SER D 134 -7.41 4.50 8.87
CA SER D 134 -7.28 5.97 8.87
C SER D 134 -6.00 6.35 9.60
N SER D 135 -5.91 7.63 9.95
CA SER D 135 -4.77 8.15 10.67
C SER D 135 -5.08 8.13 12.16
N SER D 136 -4.86 6.97 12.77
CA SER D 136 -5.05 6.74 14.20
C SER D 136 -4.79 5.27 14.48
N LEU D 137 -4.01 4.99 15.52
CA LEU D 137 -3.74 3.61 15.89
C LEU D 137 -4.78 3.12 16.90
N CYS D 138 -5.56 4.06 17.43
CA CYS D 138 -6.62 3.73 18.38
C CYS D 138 -7.74 3.03 17.60
N VAL D 139 -8.21 1.91 18.14
CA VAL D 139 -9.25 1.11 17.50
C VAL D 139 -10.60 1.22 18.17
N GLY D 140 -11.65 1.04 17.36
CA GLY D 140 -13.02 1.02 17.86
C GLY D 140 -13.80 2.30 18.03
N VAL D 141 -15.10 2.10 18.08
CA VAL D 141 -16.07 3.17 18.25
C VAL D 141 -17.05 2.68 19.31
N ASP D 142 -17.60 3.62 20.09
CA ASP D 142 -18.59 3.23 21.09
C ASP D 142 -19.89 3.12 20.28
N ALA D 143 -20.31 1.89 20.04
CA ALA D 143 -21.50 1.62 19.23
C ALA D 143 -22.75 2.32 19.79
N ASN D 144 -22.80 2.54 21.10
CA ASN D 144 -23.96 3.24 21.65
C ASN D 144 -23.77 4.75 21.76
N ARG D 145 -22.95 5.29 20.86
CA ARG D 145 -22.70 6.73 20.74
C ARG D 145 -22.65 7.06 19.24
N ASN D 146 -22.86 6.03 18.40
CA ASN D 146 -22.76 6.16 16.93
C ASN D 146 -24.09 6.33 16.18
N TRP D 147 -25.20 6.29 16.92
CA TRP D 147 -26.53 6.42 16.31
C TRP D 147 -26.93 7.87 15.97
N ASP D 148 -27.73 8.01 14.92
CA ASP D 148 -28.20 9.32 14.46
C ASP D 148 -29.25 9.85 15.44
N ALA D 149 -28.76 10.36 16.57
CA ALA D 149 -29.58 10.90 17.65
C ALA D 149 -28.67 11.85 18.38
N GLY D 150 -28.59 13.09 17.91
CA GLY D 150 -27.71 14.04 18.53
C GLY D 150 -26.26 13.58 18.40
N PHE D 151 -25.94 13.00 17.25
CA PHE D 151 -24.59 12.50 17.01
C PHE D 151 -23.49 13.56 17.21
N GLY D 152 -22.46 13.18 17.93
CA GLY D 152 -21.33 14.06 18.15
C GLY D 152 -21.49 15.15 19.18
N LYS D 153 -22.70 15.33 19.70
CA LYS D 153 -22.94 16.36 20.70
C LYS D 153 -22.47 15.94 22.08
N ALA D 154 -22.53 16.86 23.02
CA ALA D 154 -22.09 16.60 24.40
C ALA D 154 -22.59 15.24 24.88
N GLY D 155 -21.68 14.50 25.51
CA GLY D 155 -22.03 13.18 25.98
C GLY D 155 -21.49 12.08 25.07
N ALA D 156 -20.37 12.35 24.43
CA ALA D 156 -19.68 11.41 23.53
C ALA D 156 -18.37 12.07 23.21
N SER D 157 -17.36 11.31 22.80
CA SER D 157 -16.08 11.90 22.48
C SER D 157 -15.79 11.99 21.00
N SER D 158 -15.01 13.01 20.63
CA SER D 158 -14.62 13.23 19.26
C SER D 158 -13.25 12.59 18.99
N SER D 159 -12.63 12.10 20.07
CA SER D 159 -11.31 11.47 19.99
C SER D 159 -11.38 9.94 19.86
N PRO D 160 -10.73 9.38 18.81
CA PRO D 160 -10.66 7.95 18.51
C PRO D 160 -10.07 7.06 19.60
N CYS D 161 -9.39 7.68 20.56
CA CYS D 161 -8.78 6.94 21.64
C CYS D 161 -9.69 6.84 22.86
N SER D 162 -10.75 7.64 22.87
CA SER D 162 -11.70 7.66 23.96
C SER D 162 -12.63 6.46 23.96
N GLU D 163 -12.94 5.95 25.15
CA GLU D 163 -13.84 4.81 25.28
C GLU D 163 -15.24 5.16 24.79
N THR D 164 -15.55 6.46 24.76
CA THR D 164 -16.85 6.93 24.33
C THR D 164 -16.80 7.60 22.96
N TYR D 165 -15.78 7.29 22.17
CA TYR D 165 -15.64 7.84 20.84
C TYR D 165 -16.89 7.53 19.99
N HIS D 166 -17.53 8.57 19.46
CA HIS D 166 -18.75 8.39 18.65
C HIS D 166 -18.54 7.93 17.20
N GLY D 167 -17.29 7.89 16.74
CA GLY D 167 -17.02 7.49 15.38
C GLY D 167 -16.84 8.67 14.46
N LYS D 168 -16.43 8.39 13.23
CA LYS D 168 -16.19 9.42 12.22
C LYS D 168 -17.50 10.08 11.77
N TYR D 169 -18.59 9.31 11.78
CA TYR D 169 -19.90 9.81 11.39
C TYR D 169 -20.96 8.85 11.87
N ALA D 170 -22.18 9.35 12.10
CA ALA D 170 -23.29 8.52 12.57
C ALA D 170 -23.47 7.32 11.65
N ASN D 171 -23.65 6.14 12.23
CA ASN D 171 -23.83 4.90 11.47
C ASN D 171 -22.57 4.38 10.81
N SER D 172 -21.41 4.88 11.22
CA SER D 172 -20.14 4.40 10.64
C SER D 172 -19.90 2.92 10.98
N GLU D 173 -20.39 2.48 12.13
CA GLU D 173 -20.17 1.11 12.55
C GLU D 173 -21.19 0.23 11.90
N VAL D 174 -20.68 -0.73 11.11
CA VAL D 174 -21.52 -1.66 10.39
C VAL D 174 -22.48 -2.40 11.33
N GLU D 175 -22.06 -2.61 12.57
CA GLU D 175 -22.89 -3.30 13.57
C GLU D 175 -24.18 -2.50 13.88
N VAL D 176 -24.07 -1.17 13.86
CA VAL D 176 -25.19 -0.27 14.11
C VAL D 176 -26.03 -0.12 12.83
N LYS D 177 -25.37 0.09 11.71
CA LYS D 177 -26.05 0.24 10.44
C LYS D 177 -26.87 -1.01 10.07
N SER D 178 -26.39 -2.19 10.46
CA SER D 178 -27.11 -3.45 10.20
C SER D 178 -28.47 -3.40 10.89
N ILE D 179 -28.48 -2.90 12.14
CA ILE D 179 -29.72 -2.80 12.90
C ILE D 179 -30.63 -1.71 12.32
N VAL D 180 -30.05 -0.57 11.98
CA VAL D 180 -30.82 0.54 11.38
C VAL D 180 -31.58 0.03 10.14
N ASP D 181 -30.84 -0.57 9.21
CA ASP D 181 -31.41 -1.11 7.98
C ASP D 181 -32.54 -2.07 8.27
N PHE D 182 -32.27 -3.03 9.13
CA PHE D 182 -33.24 -4.05 9.49
C PHE D 182 -34.54 -3.46 10.05
N VAL D 183 -34.38 -2.40 10.84
CA VAL D 183 -35.50 -1.72 11.46
C VAL D 183 -36.26 -0.86 10.45
N LYS D 184 -35.54 -0.10 9.63
CA LYS D 184 -36.20 0.73 8.61
C LYS D 184 -36.94 -0.13 7.59
N ASN D 185 -36.31 -1.23 7.16
CA ASN D 185 -36.92 -2.15 6.20
C ASN D 185 -38.21 -2.80 6.70
N HIS D 186 -38.17 -3.30 7.93
CA HIS D 186 -39.32 -3.97 8.55
C HIS D 186 -40.51 -3.03 8.64
N GLY D 187 -40.27 -1.85 9.21
CA GLY D 187 -41.29 -0.83 9.33
C GLY D 187 -42.49 -1.09 10.23
N ASN D 188 -42.40 -2.06 11.13
CA ASN D 188 -43.52 -2.37 12.02
C ASN D 188 -43.09 -2.62 13.48
N PHE D 189 -41.89 -2.19 13.87
CA PHE D 189 -41.45 -2.36 15.25
C PHE D 189 -42.20 -1.37 16.14
N LYS D 190 -42.74 -1.87 17.25
CA LYS D 190 -43.49 -1.03 18.19
C LYS D 190 -42.67 -0.77 19.45
N ALA D 191 -41.78 -1.71 19.79
CA ALA D 191 -40.92 -1.58 20.96
C ALA D 191 -39.46 -1.79 20.53
N PHE D 192 -38.53 -1.30 21.35
CA PHE D 192 -37.11 -1.39 21.04
C PHE D 192 -36.41 -1.37 22.37
N LEU D 193 -35.88 -2.53 22.76
CA LEU D 193 -35.20 -2.65 24.03
C LEU D 193 -33.71 -2.81 23.85
N SER D 194 -32.99 -2.11 24.70
CA SER D 194 -31.54 -2.05 24.73
C SER D 194 -31.06 -2.59 26.08
N ILE D 195 -30.34 -3.71 26.11
CA ILE D 195 -29.89 -4.28 27.38
C ILE D 195 -28.40 -4.13 27.60
N HIS D 196 -28.08 -3.41 28.68
CA HIS D 196 -26.70 -3.12 29.10
C HIS D 196 -26.56 -3.46 30.60
N SER D 197 -25.33 -3.38 31.12
CA SER D 197 -25.10 -3.45 32.57
C SER D 197 -23.95 -2.45 32.76
N TYR D 198 -23.74 -1.92 33.95
CA TYR D 198 -24.50 -2.15 35.19
C TYR D 198 -24.95 -0.79 35.77
N SER D 199 -25.60 -0.87 36.93
CA SER D 199 -26.08 0.20 37.78
C SER D 199 -27.55 0.09 38.17
N GLN D 200 -28.27 -0.85 37.56
CA GLN D 200 -29.67 -1.13 37.88
C GLN D 200 -30.58 0.05 37.64
N LEU D 201 -30.74 0.36 36.35
CA LEU D 201 -31.57 1.47 35.89
C LEU D 201 -32.42 1.01 34.72
N LEU D 202 -33.51 1.72 34.47
CA LEU D 202 -34.39 1.46 33.34
C LEU D 202 -34.64 2.86 32.78
N LEU D 203 -33.92 3.17 31.71
CA LEU D 203 -33.92 4.47 31.05
C LEU D 203 -34.79 4.64 29.82
N TYR D 204 -35.41 5.81 29.70
CA TYR D 204 -36.16 6.11 28.49
C TYR D 204 -35.52 7.40 27.92
N PRO D 205 -35.83 7.78 26.68
CA PRO D 205 -35.24 8.97 26.08
C PRO D 205 -35.57 10.25 26.82
N TYR D 206 -34.73 11.27 26.71
CA TYR D 206 -33.56 11.34 25.86
C TYR D 206 -32.30 11.52 26.75
N GLY D 207 -31.13 11.45 26.12
CA GLY D 207 -29.87 11.66 26.82
C GLY D 207 -29.15 12.83 26.20
N TYR D 208 -29.29 13.03 24.89
CA TYR D 208 -28.62 14.12 24.21
C TYR D 208 -29.26 15.48 24.42
N THR D 209 -30.57 15.46 24.63
CA THR D 209 -31.34 16.69 24.80
C THR D 209 -32.20 16.70 26.05
N THR D 210 -32.34 17.86 26.69
CA THR D 210 -33.16 18.01 27.90
C THR D 210 -34.67 17.95 27.59
N GLN D 211 -35.03 18.05 26.33
CA GLN D 211 -36.43 18.00 25.92
C GLN D 211 -37.18 16.79 26.50
N SER D 212 -38.40 17.03 26.97
CA SER D 212 -39.28 15.98 27.51
C SER D 212 -39.94 15.34 26.31
N ILE D 213 -39.88 14.01 26.19
CA ILE D 213 -40.51 13.35 25.07
C ILE D 213 -42.04 13.49 25.14
N PRO D 214 -42.72 13.57 23.99
CA PRO D 214 -44.18 13.71 23.89
C PRO D 214 -44.95 12.67 24.71
N ASP D 215 -44.34 11.51 24.92
CA ASP D 215 -44.98 10.42 25.66
C ASP D 215 -44.39 10.17 27.03
N LYS D 216 -43.79 11.20 27.62
CA LYS D 216 -43.13 11.09 28.92
C LYS D 216 -43.96 10.45 30.04
N THR D 217 -45.19 10.91 30.22
CA THR D 217 -46.04 10.38 31.28
C THR D 217 -46.23 8.90 31.14
N GLU D 218 -46.59 8.50 29.93
CA GLU D 218 -46.83 7.11 29.60
C GLU D 218 -45.60 6.23 29.87
N LEU D 219 -44.46 6.64 29.32
CA LEU D 219 -43.24 5.87 29.51
C LEU D 219 -42.84 5.79 30.98
N ASN D 220 -43.09 6.85 31.72
CA ASN D 220 -42.79 6.86 33.14
C ASN D 220 -43.64 5.81 33.87
N GLN D 221 -44.89 5.61 33.43
CA GLN D 221 -45.79 4.60 34.01
C GLN D 221 -45.26 3.20 33.75
N VAL D 222 -44.99 2.93 32.46
CA VAL D 222 -44.51 1.64 32.03
C VAL D 222 -43.25 1.24 32.79
N ALA D 223 -42.36 2.20 32.99
CA ALA D 223 -41.12 1.94 33.71
C ALA D 223 -41.39 1.70 35.20
N LYS D 224 -42.27 2.50 35.79
CA LYS D 224 -42.61 2.34 37.21
C LYS D 224 -43.21 0.96 37.42
N SER D 225 -44.03 0.52 36.47
CA SER D 225 -44.67 -0.78 36.55
C SER D 225 -43.61 -1.87 36.47
N ALA D 226 -42.77 -1.77 35.44
CA ALA D 226 -41.74 -2.77 35.18
C ALA D 226 -40.76 -2.96 36.33
N VAL D 227 -40.28 -1.85 36.89
CA VAL D 227 -39.35 -1.91 38.00
C VAL D 227 -39.99 -2.62 39.21
N ALA D 228 -41.30 -2.46 39.37
CA ALA D 228 -42.00 -3.10 40.49
C ALA D 228 -42.02 -4.62 40.30
N ALA D 229 -42.27 -5.06 39.09
CA ALA D 229 -42.31 -6.48 38.76
C ALA D 229 -40.92 -7.06 38.93
N LEU D 230 -39.92 -6.29 38.54
CA LEU D 230 -38.54 -6.74 38.65
C LEU D 230 -38.16 -6.96 40.12
N LYS D 231 -38.53 -6.00 40.96
CA LYS D 231 -38.24 -6.02 42.39
C LYS D 231 -39.00 -7.11 43.15
N SER D 232 -40.12 -7.57 42.62
CA SER D 232 -40.93 -8.60 43.30
C SER D 232 -40.21 -9.91 43.58
N LEU D 233 -39.25 -10.25 42.73
CA LEU D 233 -38.54 -11.51 42.88
C LEU D 233 -37.48 -11.60 43.99
N TYR D 234 -36.47 -10.74 43.91
CA TYR D 234 -35.36 -10.74 44.87
C TYR D 234 -35.13 -9.42 45.60
N GLY D 235 -36.02 -8.46 45.41
CA GLY D 235 -35.84 -7.18 46.09
C GLY D 235 -34.79 -6.27 45.45
N THR D 236 -34.41 -6.57 44.21
CA THR D 236 -33.43 -5.78 43.50
C THR D 236 -34.08 -4.43 43.20
N SER D 237 -33.36 -3.35 43.54
CA SER D 237 -33.87 -1.99 43.39
C SER D 237 -33.32 -1.23 42.20
N TYR D 238 -34.21 -0.88 41.29
CA TYR D 238 -33.88 -0.14 40.07
C TYR D 238 -34.37 1.31 40.12
N LYS D 239 -33.73 2.14 39.33
CA LYS D 239 -34.09 3.55 39.19
C LYS D 239 -34.66 3.66 37.77
N TYR D 240 -35.47 4.68 37.51
CA TYR D 240 -36.04 4.86 36.17
C TYR D 240 -36.25 6.32 35.84
N GLY D 241 -36.17 6.63 34.56
CA GLY D 241 -36.36 7.99 34.10
C GLY D 241 -35.61 8.17 32.79
N SER D 242 -35.69 9.37 32.25
CA SER D 242 -35.02 9.67 31.00
C SER D 242 -33.53 9.58 31.23
N ILE D 243 -32.79 9.14 30.20
CA ILE D 243 -31.34 9.00 30.29
C ILE D 243 -30.65 10.23 30.91
N ILE D 244 -30.90 11.40 30.34
CA ILE D 244 -30.27 12.64 30.77
C ILE D 244 -30.26 12.96 32.27
N THR D 245 -31.39 12.87 32.97
CA THR D 245 -31.35 13.18 34.40
C THR D 245 -31.30 11.96 35.28
N THR D 246 -31.11 10.79 34.66
CA THR D 246 -31.05 9.57 35.45
C THR D 246 -29.63 9.01 35.60
N ILE D 247 -28.75 9.34 34.65
CA ILE D 247 -27.34 8.93 34.71
C ILE D 247 -26.51 10.11 34.26
N TYR D 248 -26.69 10.50 33.00
CA TYR D 248 -25.93 11.60 32.42
C TYR D 248 -26.33 11.90 30.98
N GLN D 249 -25.88 13.05 30.50
CA GLN D 249 -26.13 13.45 29.13
C GLN D 249 -25.23 12.54 28.29
N ALA D 250 -25.81 11.84 27.32
CA ALA D 250 -25.06 10.93 26.45
C ALA D 250 -25.66 11.06 25.06
N SER D 251 -24.81 11.24 24.05
CA SER D 251 -25.29 11.40 22.70
C SER D 251 -25.11 10.15 21.87
N GLY D 252 -25.80 10.10 20.74
CA GLY D 252 -25.71 8.96 19.84
C GLY D 252 -26.24 7.61 20.29
N GLY D 253 -27.02 7.57 21.38
CA GLY D 253 -27.57 6.30 21.86
C GLY D 253 -28.68 5.83 20.94
N SER D 254 -28.89 4.52 20.85
CA SER D 254 -29.90 3.98 19.93
C SER D 254 -31.33 4.29 20.28
N ILE D 255 -31.63 4.26 21.55
CA ILE D 255 -32.97 4.51 22.05
C ILE D 255 -33.52 5.90 21.68
N ASP D 256 -32.62 6.87 21.53
CA ASP D 256 -32.99 8.22 21.16
C ASP D 256 -33.23 8.22 19.65
N TRP D 257 -32.56 7.29 18.96
CA TRP D 257 -32.73 7.14 17.54
C TRP D 257 -34.07 6.46 17.25
N SER D 258 -34.31 5.32 17.88
CA SER D 258 -35.54 4.56 17.64
C SER D 258 -36.78 5.36 18.02
N TYR D 259 -36.68 6.14 19.10
CA TYR D 259 -37.80 6.96 19.52
C TYR D 259 -38.09 7.98 18.43
N ASN D 260 -37.02 8.54 17.85
CA ASN D 260 -37.16 9.52 16.78
C ASN D 260 -37.65 8.90 15.48
N GLN D 261 -37.62 7.57 15.41
CA GLN D 261 -38.08 6.84 14.24
C GLN D 261 -39.57 6.52 14.40
N GLY D 262 -40.14 6.93 15.52
CA GLY D 262 -41.56 6.68 15.78
C GLY D 262 -41.84 5.40 16.55
N ILE D 263 -40.82 4.84 17.19
CA ILE D 263 -40.99 3.62 17.97
C ILE D 263 -41.13 4.15 19.39
N LYS D 264 -42.37 4.23 19.86
CA LYS D 264 -42.67 4.79 21.17
C LYS D 264 -42.11 4.08 22.41
N TYR D 265 -42.19 2.76 22.43
CA TYR D 265 -41.70 2.01 23.60
C TYR D 265 -40.24 1.63 23.46
N SER D 266 -39.39 2.64 23.62
CA SER D 266 -37.95 2.48 23.51
C SER D 266 -37.33 2.63 24.90
N PHE D 267 -36.79 1.53 25.42
CA PHE D 267 -36.20 1.52 26.77
C PHE D 267 -34.82 0.89 26.84
N THR D 268 -34.00 1.40 27.75
CA THR D 268 -32.67 0.86 27.98
C THR D 268 -32.53 0.35 29.41
N PHE D 269 -32.27 -0.95 29.56
CA PHE D 269 -32.02 -1.54 30.88
C PHE D 269 -30.50 -1.49 31.10
N GLU D 270 -30.08 -1.23 32.33
CA GLU D 270 -28.67 -1.26 32.73
C GLU D 270 -28.80 -2.21 33.90
N LEU D 271 -28.44 -3.47 33.68
CA LEU D 271 -28.56 -4.58 34.66
C LEU D 271 -27.68 -4.49 35.91
N ARG D 272 -27.72 -5.55 36.71
CA ARG D 272 -26.92 -5.62 37.93
C ARG D 272 -25.43 -5.55 37.67
N ASP D 273 -24.64 -5.16 38.68
CA ASP D 273 -25.11 -4.71 40.01
C ASP D 273 -25.00 -3.19 40.16
N THR D 274 -24.68 -2.69 41.36
CA THR D 274 -24.57 -1.24 41.55
C THR D 274 -23.10 -0.79 41.64
N GLY D 275 -22.19 -1.75 41.58
CA GLY D 275 -20.78 -1.39 41.62
C GLY D 275 -19.86 -2.38 42.29
N ARG D 276 -20.40 -3.20 43.19
CA ARG D 276 -19.59 -4.19 43.91
C ARG D 276 -18.69 -5.00 42.96
N TYR D 277 -19.30 -5.66 41.98
CA TYR D 277 -18.56 -6.46 41.01
C TYR D 277 -18.53 -5.79 39.64
N GLY D 278 -19.48 -4.88 39.43
CA GLY D 278 -19.56 -4.16 38.18
C GLY D 278 -19.69 -5.04 36.96
N PHE D 279 -18.80 -4.83 35.98
CA PHE D 279 -18.82 -5.60 34.74
C PHE D 279 -18.42 -7.06 34.92
N LEU D 280 -17.72 -7.35 36.01
CA LEU D 280 -17.28 -8.72 36.27
C LEU D 280 -18.21 -9.49 37.23
N LEU D 281 -19.52 -9.35 37.00
CA LEU D 281 -20.54 -10.01 37.81
C LEU D 281 -20.30 -11.52 37.85
N PRO D 282 -20.25 -12.12 39.06
CA PRO D 282 -20.00 -13.58 39.14
C PRO D 282 -21.05 -14.38 38.40
N ALA D 283 -20.63 -15.54 37.85
CA ALA D 283 -21.52 -16.42 37.11
C ALA D 283 -22.69 -16.87 37.96
N SER D 284 -22.52 -16.75 39.28
CA SER D 284 -23.53 -17.12 40.26
C SER D 284 -24.78 -16.21 40.23
N GLN D 285 -24.64 -15.00 39.71
CA GLN D 285 -25.79 -14.10 39.66
C GLN D 285 -26.53 -14.14 38.33
N ILE D 286 -26.01 -14.89 37.37
CA ILE D 286 -26.62 -14.97 36.05
C ILE D 286 -28.11 -15.29 36.08
N ILE D 287 -28.44 -16.47 36.57
CA ILE D 287 -29.84 -16.89 36.62
C ILE D 287 -30.80 -15.91 37.34
N PRO D 288 -30.47 -15.47 38.58
CA PRO D 288 -31.35 -14.54 39.28
C PRO D 288 -31.59 -13.28 38.44
N THR D 289 -30.50 -12.67 38.00
CA THR D 289 -30.56 -11.47 37.19
C THR D 289 -31.48 -11.66 35.97
N ALA D 290 -31.36 -12.81 35.30
CA ALA D 290 -32.17 -13.11 34.11
C ALA D 290 -33.64 -13.29 34.50
N GLN D 291 -33.87 -13.96 35.62
CA GLN D 291 -35.25 -14.19 36.06
C GLN D 291 -35.98 -12.90 36.44
N GLU D 292 -35.31 -12.00 37.15
CA GLU D 292 -35.97 -10.76 37.53
C GLU D 292 -36.08 -9.81 36.32
N THR D 293 -35.06 -9.78 35.47
CA THR D 293 -35.10 -8.93 34.29
C THR D 293 -36.24 -9.35 33.36
N TRP D 294 -36.47 -10.66 33.21
CA TRP D 294 -37.58 -11.11 32.36
C TRP D 294 -38.92 -10.58 32.89
N LEU D 295 -39.07 -10.49 34.21
CA LEU D 295 -40.28 -9.97 34.83
C LEU D 295 -40.48 -8.52 34.44
N GLY D 296 -39.38 -7.76 34.38
CA GLY D 296 -39.44 -6.37 33.98
C GLY D 296 -39.69 -6.20 32.47
N VAL D 297 -39.16 -7.12 31.67
CA VAL D 297 -39.34 -7.06 30.23
C VAL D 297 -40.76 -7.49 29.82
N LEU D 298 -41.29 -8.53 30.48
CA LEU D 298 -42.64 -9.00 30.19
C LEU D 298 -43.64 -7.86 30.40
N THR D 299 -43.48 -7.12 31.50
CA THR D 299 -44.35 -5.99 31.82
C THR D 299 -44.37 -4.97 30.69
N ILE D 300 -43.21 -4.72 30.08
CA ILE D 300 -43.13 -3.79 28.96
C ILE D 300 -43.85 -4.36 27.74
N MET D 301 -43.53 -5.59 27.37
CA MET D 301 -44.14 -6.24 26.21
C MET D 301 -45.67 -6.21 26.23
N GLU D 302 -46.25 -6.13 27.42
CA GLU D 302 -47.70 -6.09 27.58
C GLU D 302 -48.31 -4.73 27.28
N HIS D 303 -47.62 -3.65 27.66
CA HIS D 303 -48.13 -2.31 27.37
C HIS D 303 -48.16 -2.10 25.88
N THR D 304 -47.26 -2.79 25.20
CA THR D 304 -47.15 -2.70 23.76
C THR D 304 -48.26 -3.45 23.06
N VAL D 305 -48.60 -4.63 23.59
CA VAL D 305 -49.64 -5.45 22.96
C VAL D 305 -51.00 -4.78 23.04
N ASN D 306 -51.26 -4.08 24.15
CA ASN D 306 -52.54 -3.42 24.33
C ASN D 306 -52.55 -1.97 23.91
N ASN D 307 -51.43 -1.55 23.35
CA ASN D 307 -51.25 -0.19 22.85
C ASN D 307 -50.65 -0.35 21.45
ZN ZN E . 22.79 9.23 -20.68
C1 BIP F . 23.80 9.64 -16.31
O1 BIP F . 22.76 9.75 -15.65
O2 BIP F . 24.09 8.58 -16.92
C2 BIP F . 24.65 10.91 -16.46
C3 BIP F . 25.45 10.92 -17.77
C BIP F . 25.53 11.10 -15.20
C1' BIP F . 26.40 9.91 -14.86
C2' BIP F . 25.95 8.95 -13.97
C3' BIP F . 26.74 7.82 -13.66
C4' BIP F . 28.00 7.68 -14.25
C5' BIP F . 28.45 8.65 -15.15
C6' BIP F . 27.66 9.75 -15.45
ZN ZN G . 8.45 29.97 0.11
C1 BIP H . 7.01 33.81 0.11
O1 BIP H . 6.54 34.00 -1.03
O2 BIP H . 8.19 33.46 0.27
C2 BIP H . 6.09 33.76 1.36
C3 BIP H . 5.24 32.48 1.30
C BIP H . 5.27 35.06 1.55
C1' BIP H . 4.29 35.36 0.44
C2' BIP H . 4.63 36.25 -0.56
C3' BIP H . 3.74 36.52 -1.62
C4' BIP H . 2.51 35.87 -1.66
C5' BIP H . 2.15 34.98 -0.66
C6' BIP H . 3.04 34.72 0.39
ZN ZN I . -9.31 -22.53 8.58
C1 BIP J . -8.57 -22.01 12.67
O1 BIP J . -9.57 -21.89 13.40
O2 BIP J . -8.37 -22.98 11.86
C2 BIP J . -7.58 -20.85 12.73
C3 BIP J . -6.79 -20.79 11.43
C BIP J . -6.77 -20.88 14.04
C1' BIP J . -6.00 -22.16 14.31
C2' BIP J . -4.75 -22.39 13.71
C3' BIP J . -4.01 -23.52 14.01
C4' BIP J . -4.48 -24.47 14.91
C5' BIP J . -5.71 -24.28 15.52
C6' BIP J . -6.47 -23.13 15.21
ZN ZN K . -23.27 -0.63 28.05
C1 BIP L . -24.49 3.70 28.16
O1 BIP L . -24.69 3.14 27.05
O2 BIP L . -23.52 4.46 28.38
C2 BIP L . -25.48 3.50 29.33
C3 BIP L . -26.28 2.21 29.13
C BIP L . -26.41 4.72 29.45
C1' BIP L . -27.12 5.06 28.17
C2' BIP L . -26.58 5.99 27.29
C3' BIP L . -27.23 6.29 26.08
C4' BIP L . -28.43 5.67 25.77
C5' BIP L . -28.98 4.74 26.65
C6' BIP L . -28.33 4.44 27.84
#